data_1O5O
#
_entry.id   1O5O
#
_cell.length_a   134.078
_cell.length_b   87.406
_cell.length_c   90.826
_cell.angle_alpha   90.00
_cell.angle_beta   115.29
_cell.angle_gamma   90.00
#
_symmetry.space_group_name_H-M   'C 1 2 1'
#
loop_
_entity.id
_entity.type
_entity.pdbx_description
1 polymer 'Uracil phosphoribosyltransferase'
2 non-polymer 'SULFATE ION'
3 non-polymer "URIDINE-5'-MONOPHOSPHATE"
4 water water
#
_entity_poly.entity_id   1
_entity_poly.type   'polypeptide(L)'
_entity_poly.pdbx_seq_one_letter_code
;MGSDKIHHHHHHMKNLVVVDHPLIKHKLTIMRDKNTGPKEFRELLREITLLLAYEATRHLKCEEVEVETPITKTIGYRIN
DKDIVVVPILRAGLVMADGILELLPNASVGHIGIYRDPETLQAVEYYAKLPPLNDDKEVFLLDPMLATGVSSIKAIEILK
ENGAKKITLVALIAAPEGVEAVEKKYEDVKIYVAALDERLNDHGYIIPGLGDAGDRLFRTK
;
_entity_poly.pdbx_strand_id   A,B,C,D
#
loop_
_chem_comp.id
_chem_comp.type
_chem_comp.name
_chem_comp.formula
SO4 non-polymer 'SULFATE ION' 'O4 S -2'
U5P non-polymer URIDINE-5'-MONOPHOSPHATE 'C9 H13 N2 O9 P'
#
# COMPACT_ATOMS: atom_id res chain seq x y z
N HIS A 12 1.86 -35.73 14.85
CA HIS A 12 2.80 -35.44 15.96
C HIS A 12 2.46 -34.09 16.58
N MET A 13 2.22 -33.10 15.73
CA MET A 13 2.25 -31.70 16.13
C MET A 13 0.87 -31.07 16.28
N LYS A 14 0.32 -31.31 17.48
CA LYS A 14 -1.03 -30.96 17.90
C LYS A 14 -1.42 -29.51 17.61
N ASN A 15 -0.49 -28.59 17.80
CA ASN A 15 -0.80 -27.15 17.72
C ASN A 15 -0.36 -26.45 16.40
N LEU A 16 0.16 -27.23 15.46
CA LEU A 16 0.64 -26.70 14.19
C LEU A 16 -0.40 -26.75 13.08
N VAL A 17 -0.60 -25.61 12.43
CA VAL A 17 -1.40 -25.57 11.20
C VAL A 17 -0.47 -25.14 10.06
N VAL A 18 -0.27 -26.05 9.09
CA VAL A 18 0.48 -25.75 7.87
C VAL A 18 -0.53 -25.31 6.82
N VAL A 19 -0.51 -24.05 6.47
CA VAL A 19 -1.51 -23.53 5.57
C VAL A 19 -1.24 -23.97 4.13
N ASP A 20 -2.24 -24.65 3.58
CA ASP A 20 -2.13 -25.23 2.28
C ASP A 20 -2.87 -24.36 1.26
N HIS A 21 -2.13 -23.51 0.53
CA HIS A 21 -2.75 -22.68 -0.50
C HIS A 21 -1.78 -22.49 -1.64
N PRO A 22 -2.24 -22.67 -2.88
CA PRO A 22 -1.32 -22.63 -4.03
C PRO A 22 -0.57 -21.28 -4.16
N LEU A 23 -1.19 -20.16 -3.77
CA LEU A 23 -0.52 -18.87 -3.85
C LEU A 23 0.58 -18.69 -2.82
N ILE A 24 0.40 -19.27 -1.65
CA ILE A 24 1.43 -19.25 -0.68
C ILE A 24 2.63 -20.09 -1.15
N LYS A 25 2.34 -21.26 -1.73
CA LYS A 25 3.40 -22.15 -2.24
C LYS A 25 4.25 -21.43 -3.31
N HIS A 26 3.51 -20.79 -4.19
CA HIS A 26 4.06 -20.05 -5.27
C HIS A 26 5.01 -19.01 -4.75
N LYS A 27 4.48 -18.14 -3.89
CA LYS A 27 5.22 -17.02 -3.36
C LYS A 27 6.37 -17.45 -2.45
N LEU A 28 6.16 -18.47 -1.64
CA LEU A 28 7.22 -18.98 -0.76
C LEU A 28 8.37 -19.53 -1.55
N THR A 29 8.07 -20.19 -2.65
CA THR A 29 9.12 -20.70 -3.51
C THR A 29 10.02 -19.61 -4.11
N ILE A 30 9.43 -18.45 -4.39
CA ILE A 30 10.21 -17.34 -4.85
C ILE A 30 11.09 -16.83 -3.72
N MET A 31 10.54 -16.76 -2.52
CA MET A 31 11.33 -16.33 -1.39
C MET A 31 12.51 -17.26 -1.16
N ARG A 32 12.26 -18.56 -1.23
CA ARG A 32 13.31 -19.52 -1.01
C ARG A 32 14.50 -19.35 -1.96
N ASP A 33 14.18 -19.07 -3.21
CA ASP A 33 15.15 -18.85 -4.28
C ASP A 33 16.19 -17.83 -3.85
N LYS A 34 17.44 -18.26 -3.82
CA LYS A 34 18.54 -17.41 -3.36
C LYS A 34 18.78 -16.11 -4.17
N ASN A 35 18.29 -16.06 -5.41
CA ASN A 35 18.45 -14.90 -6.26
C ASN A 35 17.43 -13.80 -5.98
N THR A 36 16.43 -14.10 -5.17
CA THR A 36 15.39 -13.14 -4.89
C THR A 36 15.97 -12.05 -3.97
N GLY A 37 15.99 -10.81 -4.45
CA GLY A 37 16.58 -9.71 -3.65
C GLY A 37 15.63 -9.15 -2.60
N PRO A 38 16.10 -8.17 -1.80
CA PRO A 38 15.34 -7.70 -0.66
C PRO A 38 14.00 -7.02 -0.97
N LYS A 39 13.93 -6.19 -2.02
CA LYS A 39 12.66 -5.53 -2.35
C LYS A 39 11.57 -6.60 -2.56
N GLU A 40 11.84 -7.55 -3.45
CA GLU A 40 10.89 -8.59 -3.72
C GLU A 40 10.63 -9.49 -2.50
N PHE A 41 11.68 -9.80 -1.74
CA PHE A 41 11.60 -10.72 -0.59
C PHE A 41 10.63 -10.17 0.47
N ARG A 42 10.78 -8.88 0.73
CA ARG A 42 9.85 -8.14 1.58
C ARG A 42 8.41 -8.11 1.08
N GLU A 43 8.23 -7.83 -0.22
CA GLU A 43 6.90 -7.84 -0.83
C GLU A 43 6.22 -9.18 -0.64
N LEU A 44 6.93 -10.24 -0.96
CA LEU A 44 6.42 -11.59 -0.83
C LEU A 44 6.07 -11.95 0.62
N LEU A 45 6.93 -11.56 1.56
CA LEU A 45 6.68 -11.83 2.96
C LEU A 45 5.38 -11.16 3.42
N ARG A 46 5.20 -9.92 3.02
CA ARG A 46 3.98 -9.16 3.35
C ARG A 46 2.72 -9.86 2.79
N GLU A 47 2.80 -10.23 1.51
CA GLU A 47 1.75 -10.91 0.79
C GLU A 47 1.39 -12.25 1.34
N ILE A 48 2.40 -13.02 1.74
CA ILE A 48 2.13 -14.35 2.31
C ILE A 48 1.48 -14.22 3.67
N THR A 49 1.91 -13.21 4.41
CA THR A 49 1.35 -12.94 5.72
C THR A 49 -0.14 -12.59 5.58
N LEU A 50 -0.49 -11.85 4.55
CA LEU A 50 -1.89 -11.55 4.29
C LEU A 50 -2.78 -12.82 4.07
N LEU A 51 -2.19 -13.83 3.43
CA LEU A 51 -2.90 -15.07 3.22
C LEU A 51 -2.93 -15.96 4.48
N LEU A 52 -1.81 -16.03 5.21
CA LEU A 52 -1.73 -16.78 6.49
C LEU A 52 -2.66 -16.21 7.53
N ALA A 53 -2.86 -14.89 7.44
CA ALA A 53 -3.79 -14.11 8.27
C ALA A 53 -5.21 -14.61 8.17
N TYR A 54 -5.61 -15.02 6.97
CA TYR A 54 -6.94 -15.58 6.76
C TYR A 54 -7.16 -16.72 7.76
N GLU A 55 -6.22 -17.67 7.78
CA GLU A 55 -6.38 -18.85 8.61
C GLU A 55 -6.18 -18.57 10.06
N ALA A 56 -5.17 -17.74 10.33
CA ALA A 56 -4.80 -17.39 11.67
C ALA A 56 -5.89 -16.62 12.45
N THR A 57 -6.76 -15.88 11.75
CA THR A 57 -7.77 -15.02 12.36
C THR A 57 -9.16 -15.56 12.29
N ARG A 58 -9.31 -16.73 11.68
CA ARG A 58 -10.58 -17.40 11.45
C ARG A 58 -11.33 -17.69 12.77
N HIS A 59 -10.56 -17.89 13.84
CA HIS A 59 -11.09 -18.18 15.18
C HIS A 59 -11.70 -16.96 15.91
N LEU A 60 -11.40 -15.73 15.49
CA LEU A 60 -11.87 -14.54 16.19
C LEU A 60 -13.40 -14.50 16.35
N LYS A 61 -13.84 -13.96 17.48
CA LYS A 61 -15.24 -14.01 17.89
C LYS A 61 -15.98 -12.79 17.37
N CYS A 62 -17.15 -13.01 16.84
CA CYS A 62 -18.08 -11.96 16.42
C CYS A 62 -19.20 -11.73 17.40
N GLU A 63 -19.53 -10.47 17.64
CA GLU A 63 -20.78 -10.13 18.33
C GLU A 63 -21.70 -9.61 17.22
N GLU A 64 -22.96 -9.99 17.27
CA GLU A 64 -23.97 -9.38 16.46
C GLU A 64 -24.20 -7.95 16.96
N VAL A 65 -24.44 -7.02 16.04
CA VAL A 65 -24.71 -5.60 16.31
C VAL A 65 -25.67 -5.11 15.25
N GLU A 66 -26.52 -4.15 15.58
CA GLU A 66 -27.40 -3.56 14.59
C GLU A 66 -26.59 -2.66 13.70
N VAL A 67 -26.96 -2.58 12.42
CA VAL A 67 -26.45 -1.57 11.51
C VAL A 67 -27.58 -1.03 10.69
N GLU A 68 -27.52 0.26 10.42
CA GLU A 68 -28.40 0.85 9.46
C GLU A 68 -27.65 1.06 8.19
N THR A 69 -28.13 0.45 7.12
CA THR A 69 -27.61 0.68 5.82
C THR A 69 -28.40 1.86 5.24
N PRO A 70 -27.92 2.41 4.12
CA PRO A 70 -28.70 3.40 3.39
C PRO A 70 -30.13 2.93 3.01
N ILE A 71 -30.34 1.63 2.83
CA ILE A 71 -31.63 1.05 2.47
C ILE A 71 -32.49 0.73 3.68
N THR A 72 -31.92 0.06 4.66
CA THR A 72 -32.64 -0.39 5.85
C THR A 72 -31.72 -0.78 7.00
N LYS A 73 -32.30 -0.94 8.19
CA LYS A 73 -31.59 -1.55 9.31
C LYS A 73 -31.54 -3.08 9.19
N THR A 74 -30.45 -3.64 9.69
CA THR A 74 -30.23 -5.06 9.70
C THR A 74 -29.31 -5.43 10.88
N ILE A 75 -28.96 -6.69 10.97
CA ILE A 75 -28.04 -7.16 12.00
C ILE A 75 -26.73 -7.56 11.33
N GLY A 76 -25.66 -7.02 11.86
CA GLY A 76 -24.33 -7.30 11.36
C GLY A 76 -23.47 -7.87 12.46
N TYR A 77 -22.17 -7.71 12.29
CA TYR A 77 -21.17 -8.35 13.10
C TYR A 77 -20.02 -7.45 13.45
N ARG A 78 -19.42 -7.72 14.59
CA ARG A 78 -18.33 -6.90 15.10
C ARG A 78 -17.40 -7.74 15.91
N ILE A 79 -16.13 -7.44 15.74
CA ILE A 79 -15.04 -7.97 16.54
C ILE A 79 -14.60 -6.85 17.45
N ASN A 80 -14.13 -7.19 18.65
CA ASN A 80 -13.51 -6.20 19.53
C ASN A 80 -12.07 -5.96 19.12
N ASP A 81 -11.95 -4.80 18.51
CA ASP A 81 -10.93 -4.46 17.56
C ASP A 81 -9.68 -3.94 18.24
N LYS A 82 -9.91 -3.10 19.24
CA LYS A 82 -8.85 -2.56 20.09
C LYS A 82 -8.22 -3.68 20.97
N ASP A 83 -9.01 -4.74 21.25
CA ASP A 83 -8.56 -5.97 21.94
C ASP A 83 -7.62 -6.93 21.16
N ILE A 84 -7.39 -6.65 19.90
CA ILE A 84 -6.35 -7.37 19.17
C ILE A 84 -4.96 -6.70 19.33
N VAL A 85 -3.96 -7.55 19.57
CA VAL A 85 -2.60 -7.12 19.79
C VAL A 85 -1.66 -7.84 18.80
N VAL A 86 -0.98 -7.04 17.99
CA VAL A 86 -0.05 -7.55 17.01
C VAL A 86 1.37 -7.29 17.55
N VAL A 87 2.18 -8.34 17.64
CA VAL A 87 3.53 -8.23 18.17
C VAL A 87 4.55 -8.87 17.24
N PRO A 88 5.22 -8.05 16.42
CA PRO A 88 6.44 -8.50 15.73
C PRO A 88 7.61 -8.78 16.69
N ILE A 89 8.34 -9.86 16.41
CA ILE A 89 9.70 -9.99 16.91
C ILE A 89 10.63 -9.30 15.90
N LEU A 90 11.37 -8.29 16.38
CA LEU A 90 12.31 -7.58 15.52
C LEU A 90 13.52 -8.48 15.19
N ARG A 91 14.16 -8.29 14.02
CA ARG A 91 13.75 -7.33 13.00
C ARG A 91 12.71 -7.87 12.04
N ALA A 92 12.85 -9.15 11.69
CA ALA A 92 12.16 -9.71 10.52
C ALA A 92 10.66 -9.79 10.66
N GLY A 93 10.18 -9.95 11.88
CA GLY A 93 8.72 -9.87 12.17
C GLY A 93 8.03 -8.53 11.83
N LEU A 94 8.83 -7.45 11.74
CA LEU A 94 8.31 -6.13 11.34
C LEU A 94 7.56 -6.20 10.04
N VAL A 95 8.13 -6.92 9.05
CA VAL A 95 7.53 -6.97 7.74
C VAL A 95 6.22 -7.76 7.79
N MET A 96 6.20 -8.84 8.57
CA MET A 96 4.98 -9.58 8.77
C MET A 96 3.91 -8.76 9.48
N ALA A 97 4.33 -7.96 10.46
CA ALA A 97 3.43 -7.08 11.17
C ALA A 97 2.75 -6.08 10.27
N ASP A 98 3.51 -5.47 9.36
CA ASP A 98 2.96 -4.59 8.34
C ASP A 98 1.87 -5.24 7.56
N GLY A 99 2.09 -6.49 7.13
CA GLY A 99 1.10 -7.29 6.39
C GLY A 99 -0.16 -7.48 7.19
N ILE A 100 -0.04 -8.03 8.39
CA ILE A 100 -1.23 -8.31 9.18
C ILE A 100 -2.02 -7.04 9.60
N LEU A 101 -1.31 -5.94 9.82
CA LEU A 101 -1.96 -4.66 10.14
C LEU A 101 -2.75 -4.05 8.98
N GLU A 102 -2.51 -4.53 7.77
CA GLU A 102 -3.37 -4.18 6.67
C GLU A 102 -4.80 -4.78 6.87
N LEU A 103 -4.87 -5.91 7.57
CA LEU A 103 -6.12 -6.58 7.86
C LEU A 103 -6.69 -6.22 9.21
N LEU A 104 -5.81 -5.97 10.18
CA LEU A 104 -6.17 -5.57 11.53
C LEU A 104 -5.61 -4.18 11.86
N PRO A 105 -6.01 -3.15 11.10
CA PRO A 105 -5.41 -1.80 11.26
C PRO A 105 -5.68 -1.10 12.58
N ASN A 106 -6.70 -1.54 13.32
CA ASN A 106 -6.98 -0.96 14.60
C ASN A 106 -6.49 -1.76 15.77
N ALA A 107 -5.57 -2.72 15.51
CA ALA A 107 -4.88 -3.43 16.58
C ALA A 107 -3.92 -2.52 17.34
N SER A 108 -3.68 -2.84 18.62
CA SER A 108 -2.53 -2.32 19.38
C SER A 108 -1.32 -3.11 18.95
N VAL A 109 -0.14 -2.51 19.03
CA VAL A 109 1.10 -3.11 18.54
C VAL A 109 2.13 -3.10 19.66
N GLY A 110 2.73 -4.26 19.90
CA GLY A 110 3.91 -4.37 20.76
C GLY A 110 5.14 -4.63 19.91
N HIS A 111 6.31 -4.48 20.48
CA HIS A 111 7.51 -4.86 19.78
C HIS A 111 8.37 -5.59 20.77
N ILE A 112 8.94 -6.72 20.34
CA ILE A 112 9.83 -7.51 21.18
C ILE A 112 11.06 -7.70 20.34
N GLY A 113 12.16 -7.13 20.83
CA GLY A 113 13.47 -7.25 20.21
C GLY A 113 14.18 -8.44 20.81
N ILE A 114 14.31 -9.49 20.00
CA ILE A 114 15.13 -10.65 20.35
C ILE A 114 15.96 -10.94 19.11
N TYR A 115 17.24 -11.26 19.28
CA TYR A 115 17.97 -11.99 18.26
C TYR A 115 18.48 -13.30 18.86
N ARG A 116 18.80 -14.22 17.97
CA ARG A 116 19.43 -15.47 18.37
C ARG A 116 20.93 -15.39 18.13
N ASP A 117 21.68 -15.57 19.19
CA ASP A 117 23.11 -15.57 19.12
C ASP A 117 23.57 -16.68 18.16
N PRO A 118 24.22 -16.31 17.04
CA PRO A 118 24.62 -17.29 16.00
C PRO A 118 25.41 -18.46 16.54
N GLU A 119 26.37 -18.17 17.43
CA GLU A 119 27.21 -19.19 17.99
C GLU A 119 26.52 -19.98 19.11
N THR A 120 25.92 -19.28 20.07
CA THR A 120 25.33 -19.92 21.26
C THR A 120 23.94 -20.54 20.96
N LEU A 121 23.25 -19.96 19.98
CA LEU A 121 21.85 -20.29 19.60
C LEU A 121 20.88 -20.07 20.74
N GLN A 122 21.25 -19.17 21.66
CA GLN A 122 20.32 -18.66 22.68
C GLN A 122 19.74 -17.31 22.25
N ALA A 123 18.54 -17.07 22.76
CA ALA A 123 17.82 -15.85 22.53
C ALA A 123 18.35 -14.72 23.39
N VAL A 124 18.56 -13.55 22.80
CA VAL A 124 18.91 -12.37 23.55
C VAL A 124 17.84 -11.32 23.37
N GLU A 125 17.20 -10.92 24.47
CA GLU A 125 16.20 -9.86 24.49
C GLU A 125 16.84 -8.49 24.66
N TYR A 126 16.50 -7.55 23.78
CA TYR A 126 16.99 -6.18 23.87
C TYR A 126 15.90 -5.10 23.99
N TYR A 127 14.65 -5.49 23.73
CA TYR A 127 13.55 -4.56 23.82
C TYR A 127 12.24 -5.34 24.01
N ALA A 128 11.37 -4.79 24.82
CA ALA A 128 10.01 -5.24 24.89
C ALA A 128 9.20 -4.01 25.30
N LYS A 129 8.30 -3.58 24.43
CA LYS A 129 7.38 -2.50 24.73
C LYS A 129 6.05 -3.03 24.27
N LEU A 130 5.13 -3.16 25.21
CA LEU A 130 3.84 -3.78 24.95
C LEU A 130 2.68 -2.88 25.37
N PRO A 131 1.57 -3.00 24.65
CA PRO A 131 0.34 -2.35 25.07
C PRO A 131 -0.26 -3.16 26.22
N PRO A 132 -1.24 -2.60 26.93
CA PRO A 132 -1.82 -3.29 28.08
C PRO A 132 -2.35 -4.66 27.65
N LEU A 133 -2.11 -5.67 28.47
CA LEU A 133 -2.50 -7.04 28.16
C LEU A 133 -3.33 -7.59 29.26
N ASN A 134 -4.33 -8.38 28.91
CA ASN A 134 -5.15 -9.10 29.87
C ASN A 134 -5.79 -10.34 29.19
N ASP A 135 -6.67 -11.02 29.94
CA ASP A 135 -7.32 -12.26 29.49
C ASP A 135 -8.15 -12.09 28.24
N ASP A 136 -8.68 -10.88 28.00
CA ASP A 136 -9.52 -10.60 26.83
C ASP A 136 -8.72 -10.45 25.54
N LYS A 137 -7.46 -10.04 25.68
CA LYS A 137 -6.62 -9.71 24.55
C LYS A 137 -6.26 -10.91 23.68
N GLU A 138 -6.47 -10.79 22.37
CA GLU A 138 -6.01 -11.78 21.40
C GLU A 138 -4.67 -11.31 20.88
N VAL A 139 -3.60 -12.05 21.17
CA VAL A 139 -2.29 -11.67 20.67
C VAL A 139 -1.83 -12.49 19.47
N PHE A 140 -1.33 -11.78 18.45
CA PHE A 140 -0.66 -12.40 17.32
C PHE A 140 0.78 -12.03 17.34
N LEU A 141 1.63 -13.04 17.52
CA LEU A 141 3.07 -12.90 17.57
C LEU A 141 3.64 -13.38 16.25
N LEU A 142 4.55 -12.59 15.65
CA LEU A 142 5.00 -12.82 14.28
C LEU A 142 6.50 -12.88 14.14
N ASP A 143 6.97 -13.99 13.62
CA ASP A 143 8.41 -14.18 13.32
C ASP A 143 8.52 -15.19 12.20
N PRO A 144 9.14 -14.82 11.09
CA PRO A 144 9.16 -15.68 9.92
C PRO A 144 9.78 -17.06 10.10
N MET A 145 10.88 -17.20 10.81
CA MET A 145 11.57 -18.48 10.90
C MET A 145 11.56 -19.03 12.34
N LEU A 146 10.84 -20.14 12.49
CA LEU A 146 10.75 -20.85 13.76
C LEU A 146 11.69 -22.07 13.66
N ALA A 147 12.91 -21.89 14.16
CA ALA A 147 13.98 -22.87 13.99
C ALA A 147 14.14 -23.76 15.23
N THR A 148 14.94 -23.32 16.21
CA THR A 148 15.03 -24.02 17.49
C THR A 148 13.85 -23.69 18.41
N GLY A 149 13.17 -22.56 18.15
CA GLY A 149 12.07 -22.11 18.98
C GLY A 149 12.47 -21.18 20.12
N VAL A 150 13.75 -20.98 20.36
CA VAL A 150 14.13 -20.24 21.59
C VAL A 150 13.65 -18.81 21.57
N SER A 151 13.68 -18.20 20.39
CA SER A 151 13.22 -16.81 20.25
C SER A 151 11.73 -16.63 20.49
N SER A 152 10.91 -17.45 19.85
CA SER A 152 9.48 -17.34 20.07
C SER A 152 9.09 -17.74 21.48
N ILE A 153 9.82 -18.66 22.11
CA ILE A 153 9.48 -19.10 23.44
C ILE A 153 9.74 -17.96 24.40
N LYS A 154 10.84 -17.25 24.17
CA LYS A 154 11.22 -16.13 25.00
C LYS A 154 10.20 -14.98 24.92
N ALA A 155 9.79 -14.70 23.70
CA ALA A 155 8.78 -13.71 23.43
C ALA A 155 7.43 -14.05 24.08
N ILE A 156 7.02 -15.32 23.99
CA ILE A 156 5.82 -15.81 24.67
C ILE A 156 5.95 -15.65 26.19
N GLU A 157 7.12 -15.99 26.71
CA GLU A 157 7.44 -15.81 28.13
C GLU A 157 7.19 -14.34 28.57
N ILE A 158 7.69 -13.40 27.78
CA ILE A 158 7.53 -11.97 28.04
C ILE A 158 6.07 -11.51 27.93
N LEU A 159 5.35 -12.10 26.97
CA LEU A 159 3.92 -11.81 26.79
C LEU A 159 3.11 -12.24 28.00
N LYS A 160 3.30 -13.50 28.42
CA LYS A 160 2.60 -14.12 29.57
C LYS A 160 2.88 -13.36 30.84
N GLU A 161 4.16 -13.05 31.05
CA GLU A 161 4.67 -12.23 32.14
C GLU A 161 3.89 -10.92 32.25
N ASN A 162 3.51 -10.36 31.09
CA ASN A 162 2.81 -9.09 31.06
C ASN A 162 1.30 -9.21 30.97
N GLY A 163 0.74 -10.40 31.12
CA GLY A 163 -0.69 -10.54 31.24
C GLY A 163 -1.39 -11.20 30.08
N ALA A 164 -0.66 -11.51 29.03
CA ALA A 164 -1.23 -12.20 27.86
C ALA A 164 -1.72 -13.60 28.19
N LYS A 165 -2.85 -14.00 27.62
CA LYS A 165 -3.35 -15.38 27.77
C LYS A 165 -3.45 -16.02 26.40
N LYS A 166 -4.31 -15.49 25.54
CA LYS A 166 -4.49 -16.08 24.24
C LYS A 166 -3.45 -15.54 23.26
N ILE A 167 -2.58 -16.42 22.79
CA ILE A 167 -1.49 -16.08 21.91
C ILE A 167 -1.46 -17.04 20.75
N THR A 168 -1.34 -16.48 19.57
CA THR A 168 -1.26 -17.24 18.34
C THR A 168 0.05 -16.85 17.68
N LEU A 169 0.85 -17.85 17.28
CA LEU A 169 2.11 -17.62 16.56
C LEU A 169 1.88 -17.81 15.03
N VAL A 170 2.33 -16.80 14.28
CA VAL A 170 2.34 -16.81 12.84
C VAL A 170 3.78 -16.75 12.33
N ALA A 171 4.19 -17.80 11.62
CA ALA A 171 5.53 -17.85 11.05
C ALA A 171 5.41 -18.25 9.61
N LEU A 172 6.52 -18.15 8.88
CA LEU A 172 6.57 -18.51 7.48
C LEU A 172 6.94 -19.96 7.35
N ILE A 173 8.11 -20.29 7.89
CA ILE A 173 8.64 -21.64 7.88
C ILE A 173 9.00 -22.05 9.32
N ALA A 174 8.61 -23.27 9.67
CA ALA A 174 9.05 -23.91 10.93
C ALA A 174 9.85 -25.17 10.66
N ALA A 175 10.72 -25.48 11.62
CA ALA A 175 11.35 -26.78 11.70
C ALA A 175 10.63 -27.56 12.79
N PRO A 176 10.52 -28.88 12.61
CA PRO A 176 9.96 -29.78 13.61
C PRO A 176 10.39 -29.54 15.05
N GLU A 177 11.70 -29.46 15.29
CA GLU A 177 12.17 -29.26 16.67
C GLU A 177 11.73 -27.95 17.29
N GLY A 178 11.64 -26.87 16.51
CA GLY A 178 11.04 -25.63 16.97
C GLY A 178 9.58 -25.76 17.35
N VAL A 179 8.80 -26.45 16.53
CA VAL A 179 7.39 -26.60 16.83
C VAL A 179 7.20 -27.42 18.11
N GLU A 180 7.96 -28.52 18.23
CA GLU A 180 7.97 -29.36 19.40
C GLU A 180 8.39 -28.62 20.67
N ALA A 181 9.39 -27.76 20.56
CA ALA A 181 9.84 -26.95 21.68
C ALA A 181 8.73 -26.04 22.20
N VAL A 182 8.07 -25.35 21.28
CA VAL A 182 6.97 -24.47 21.67
C VAL A 182 5.82 -25.26 22.33
N GLU A 183 5.47 -26.43 21.77
CA GLU A 183 4.42 -27.27 22.32
C GLU A 183 4.77 -27.79 23.72
N LYS A 184 6.03 -28.19 23.92
CA LYS A 184 6.48 -28.65 25.23
C LYS A 184 6.27 -27.56 26.29
N LYS A 185 6.62 -26.33 25.96
CA LYS A 185 6.56 -25.24 26.93
C LYS A 185 5.16 -24.60 27.06
N TYR A 186 4.52 -24.38 25.91
CA TYR A 186 3.26 -23.62 25.82
C TYR A 186 2.24 -24.38 25.00
N GLU A 187 1.65 -25.39 25.63
CA GLU A 187 0.73 -26.30 24.93
C GLU A 187 -0.50 -25.62 24.33
N ASP A 188 -0.81 -24.39 24.71
CA ASP A 188 -2.03 -23.75 24.26
C ASP A 188 -1.77 -22.77 23.13
N VAL A 189 -0.51 -22.64 22.71
CA VAL A 189 -0.21 -21.68 21.63
C VAL A 189 -0.34 -22.32 20.24
N LYS A 190 -1.30 -21.85 19.45
CA LYS A 190 -1.48 -22.33 18.08
C LYS A 190 -0.45 -21.68 17.16
N ILE A 191 0.05 -22.45 16.20
CA ILE A 191 1.08 -21.99 15.30
C ILE A 191 0.59 -22.20 13.87
N TYR A 192 0.58 -21.09 13.13
CA TYR A 192 0.22 -21.02 11.69
C TYR A 192 1.48 -20.76 10.89
N VAL A 193 1.70 -21.59 9.87
CA VAL A 193 2.87 -21.49 9.03
C VAL A 193 2.56 -21.78 7.58
N ALA A 194 3.46 -21.36 6.71
CA ALA A 194 3.37 -21.62 5.29
C ALA A 194 4.02 -22.96 4.95
N ALA A 195 4.97 -23.42 5.78
CA ALA A 195 5.64 -24.70 5.54
C ALA A 195 6.34 -25.23 6.77
N LEU A 196 6.37 -26.55 6.85
CA LEU A 196 7.17 -27.24 7.80
C LEU A 196 8.30 -27.90 7.03
N ASP A 197 9.52 -27.51 7.32
CA ASP A 197 10.69 -28.04 6.62
C ASP A 197 11.21 -29.24 7.38
N GLU A 198 12.42 -29.67 7.05
CA GLU A 198 12.91 -30.97 7.42
C GLU A 198 13.61 -30.99 8.77
N ARG A 199 14.53 -30.03 8.98
CA ARG A 199 15.39 -30.04 10.18
C ARG A 199 16.29 -28.82 10.15
N LEU A 200 17.18 -28.73 11.14
CA LEU A 200 18.13 -27.62 11.28
C LEU A 200 19.51 -28.07 10.85
N ASN A 201 20.32 -27.16 10.33
CA ASN A 201 21.73 -27.50 10.08
C ASN A 201 22.55 -27.27 11.37
N ASP A 202 23.87 -27.42 11.30
CA ASP A 202 24.72 -27.23 12.49
C ASP A 202 24.76 -25.83 13.06
N HIS A 203 24.34 -24.84 12.26
CA HIS A 203 24.32 -23.47 12.69
C HIS A 203 22.91 -22.96 13.01
N GLY A 204 21.97 -23.89 13.13
CA GLY A 204 20.60 -23.57 13.54
C GLY A 204 19.71 -23.02 12.46
N TYR A 205 20.12 -23.14 11.20
CA TYR A 205 19.31 -22.72 10.07
C TYR A 205 18.44 -23.85 9.59
N ILE A 206 17.20 -23.49 9.20
CA ILE A 206 16.21 -24.43 8.68
C ILE A 206 16.60 -24.91 7.27
N ILE A 207 16.52 -26.22 7.10
CA ILE A 207 16.80 -26.90 5.83
C ILE A 207 15.49 -27.42 5.26
N PRO A 208 15.19 -27.15 3.97
CA PRO A 208 15.99 -26.31 3.07
C PRO A 208 15.85 -24.82 3.30
N GLY A 209 14.80 -24.44 4.01
CA GLY A 209 14.61 -23.06 4.42
C GLY A 209 14.74 -22.01 3.33
N LEU A 210 15.30 -20.86 3.71
CA LEU A 210 15.55 -19.75 2.80
C LEU A 210 16.73 -18.86 3.23
N GLY A 211 17.61 -19.35 4.08
CA GLY A 211 18.76 -18.57 4.57
C GLY A 211 18.44 -17.69 5.77
N ASP A 212 19.06 -16.49 5.84
CA ASP A 212 18.83 -15.58 6.95
C ASP A 212 17.81 -14.51 6.60
N ALA A 213 16.64 -14.58 7.24
CA ALA A 213 15.48 -13.81 6.86
C ALA A 213 15.69 -12.31 7.03
N GLY A 214 16.17 -11.92 8.20
CA GLY A 214 16.52 -10.53 8.49
C GLY A 214 17.48 -9.91 7.48
N ASP A 215 18.52 -10.66 7.15
CA ASP A 215 19.52 -10.21 6.20
C ASP A 215 18.96 -10.11 4.78
N ARG A 216 18.13 -11.06 4.42
CA ARG A 216 17.53 -11.07 3.10
C ARG A 216 16.46 -9.98 2.93
N LEU A 217 15.81 -9.57 4.02
CA LEU A 217 14.80 -8.53 4.02
C LEU A 217 15.38 -7.14 3.94
N PHE A 218 16.52 -6.94 4.59
CA PHE A 218 17.07 -5.63 4.84
C PHE A 218 18.47 -5.42 4.25
N ARG A 219 19.03 -6.45 3.62
CA ARG A 219 20.35 -6.42 2.99
C ARG A 219 21.46 -6.09 4.01
N THR A 220 21.42 -6.82 5.12
CA THR A 220 22.47 -6.80 6.12
C THR A 220 23.30 -8.07 5.98
N LYS A 221 24.51 -8.06 6.50
CA LYS A 221 25.46 -9.19 6.39
C LYS A 221 25.87 -9.69 7.80
N MET B 13 -28.23 -23.21 -4.60
CA MET B 13 -27.27 -22.32 -5.35
C MET B 13 -25.93 -23.03 -5.51
N LYS B 14 -25.95 -23.96 -6.48
CA LYS B 14 -24.87 -24.90 -6.77
C LYS B 14 -23.49 -24.25 -6.89
N ASN B 15 -23.44 -23.07 -7.49
CA ASN B 15 -22.19 -22.41 -7.84
C ASN B 15 -21.77 -21.29 -6.90
N LEU B 16 -22.52 -21.09 -5.81
CA LEU B 16 -22.26 -20.02 -4.88
C LEU B 16 -21.45 -20.46 -3.69
N VAL B 17 -20.38 -19.71 -3.42
CA VAL B 17 -19.64 -19.82 -2.16
C VAL B 17 -19.76 -18.52 -1.40
N VAL B 18 -20.44 -18.58 -0.24
CA VAL B 18 -20.51 -17.47 0.73
C VAL B 18 -19.34 -17.65 1.68
N VAL B 19 -18.34 -16.80 1.57
CA VAL B 19 -17.15 -16.96 2.41
C VAL B 19 -17.47 -16.54 3.85
N ASP B 20 -17.20 -17.45 4.77
CA ASP B 20 -17.56 -17.30 6.17
C ASP B 20 -16.27 -17.04 6.98
N HIS B 21 -16.00 -15.78 7.27
CA HIS B 21 -14.83 -15.44 8.04
C HIS B 21 -15.19 -14.24 8.90
N PRO B 22 -14.82 -14.26 10.18
CA PRO B 22 -15.19 -13.19 11.09
C PRO B 22 -14.70 -11.81 10.69
N LEU B 23 -13.55 -11.74 10.02
CA LEU B 23 -12.98 -10.46 9.57
C LEU B 23 -13.74 -9.85 8.43
N ILE B 24 -14.24 -10.72 7.57
CA ILE B 24 -15.10 -10.29 6.47
C ILE B 24 -16.40 -9.75 6.95
N LYS B 25 -16.99 -10.42 7.92
CA LYS B 25 -18.27 -9.99 8.52
C LYS B 25 -18.15 -8.66 9.21
N HIS B 26 -17.06 -8.52 9.98
CA HIS B 26 -16.71 -7.27 10.66
C HIS B 26 -16.64 -6.10 9.68
N LYS B 27 -15.75 -6.27 8.71
CA LYS B 27 -15.49 -5.23 7.69
C LYS B 27 -16.69 -4.92 6.84
N LEU B 28 -17.43 -5.95 6.44
CA LEU B 28 -18.63 -5.79 5.65
C LEU B 28 -19.72 -4.99 6.37
N THR B 29 -19.87 -5.24 7.66
CA THR B 29 -20.75 -4.48 8.52
C THR B 29 -20.40 -2.99 8.61
N ILE B 30 -19.12 -2.66 8.62
CA ILE B 30 -18.76 -1.24 8.58
C ILE B 30 -19.13 -0.62 7.22
N MET B 31 -18.89 -1.36 6.13
CA MET B 31 -19.28 -0.90 4.79
C MET B 31 -20.76 -0.69 4.73
N ARG B 32 -21.53 -1.57 5.31
CA ARG B 32 -23.00 -1.45 5.24
C ARG B 32 -23.53 -0.16 5.87
N ASP B 33 -22.92 0.18 6.99
CA ASP B 33 -23.24 1.31 7.81
C ASP B 33 -23.23 2.57 6.99
N LYS B 34 -24.38 3.23 6.91
CA LYS B 34 -24.54 4.44 6.06
C LYS B 34 -23.57 5.59 6.40
N ASN B 35 -23.05 5.62 7.62
CA ASN B 35 -22.13 6.66 8.03
C ASN B 35 -20.69 6.50 7.55
N THR B 36 -20.36 5.34 7.03
CA THR B 36 -19.02 5.08 6.56
C THR B 36 -18.75 5.87 5.24
N GLY B 37 -17.77 6.76 5.29
CA GLY B 37 -17.44 7.62 4.16
C GLY B 37 -16.62 6.95 3.09
N PRO B 38 -16.36 7.67 1.99
CA PRO B 38 -15.66 7.07 0.83
C PRO B 38 -14.27 6.50 1.07
N LYS B 39 -13.45 7.21 1.82
CA LYS B 39 -12.07 6.77 2.13
C LYS B 39 -12.07 5.43 2.83
N GLU B 40 -12.84 5.30 3.89
CA GLU B 40 -12.96 4.04 4.60
C GLU B 40 -13.63 2.94 3.79
N PHE B 41 -14.69 3.30 3.08
CA PHE B 41 -15.43 2.36 2.26
C PHE B 41 -14.53 1.64 1.25
N ARG B 42 -13.68 2.42 0.61
CA ARG B 42 -12.70 1.91 -0.35
C ARG B 42 -11.67 1.00 0.31
N GLU B 43 -11.14 1.44 1.43
CA GLU B 43 -10.19 0.64 2.19
C GLU B 43 -10.78 -0.72 2.51
N LEU B 44 -11.98 -0.71 3.06
CA LEU B 44 -12.67 -1.92 3.46
C LEU B 44 -12.97 -2.81 2.27
N LEU B 45 -13.30 -2.24 1.13
CA LEU B 45 -13.60 -3.06 -0.03
C LEU B 45 -12.35 -3.79 -0.49
N ARG B 46 -11.24 -3.08 -0.52
CA ARG B 46 -9.97 -3.67 -0.90
C ARG B 46 -9.55 -4.77 0.09
N GLU B 47 -9.67 -4.49 1.39
CA GLU B 47 -9.33 -5.45 2.43
C GLU B 47 -10.19 -6.74 2.37
N ILE B 48 -11.48 -6.56 2.15
CA ILE B 48 -12.38 -7.71 2.00
C ILE B 48 -12.04 -8.51 0.78
N THR B 49 -11.71 -7.81 -0.29
CA THR B 49 -11.32 -8.49 -1.50
C THR B 49 -10.05 -9.34 -1.28
N LEU B 50 -9.11 -8.86 -0.47
CA LEU B 50 -7.95 -9.68 -0.17
C LEU B 50 -8.30 -10.99 0.54
N LEU B 51 -9.31 -10.96 1.39
CA LEU B 51 -9.72 -12.13 2.10
C LEU B 51 -10.54 -13.09 1.21
N LEU B 52 -11.42 -12.54 0.39
CA LEU B 52 -12.20 -13.32 -0.58
C LEU B 52 -11.32 -13.96 -1.62
N ALA B 53 -10.19 -13.34 -1.86
CA ALA B 53 -9.18 -13.83 -2.79
C ALA B 53 -8.58 -15.15 -2.35
N TYR B 54 -8.45 -15.32 -1.04
CA TYR B 54 -7.94 -16.54 -0.50
C TYR B 54 -8.75 -17.69 -1.06
N GLU B 55 -10.06 -17.58 -0.90
CA GLU B 55 -10.95 -18.67 -1.19
C GLU B 55 -11.15 -18.78 -2.69
N ALA B 56 -11.24 -17.64 -3.35
CA ALA B 56 -11.43 -17.63 -4.80
C ALA B 56 -10.24 -18.15 -5.62
N THR B 57 -9.03 -18.19 -5.05
CA THR B 57 -7.83 -18.65 -5.77
C THR B 57 -7.31 -19.99 -5.29
N ARG B 58 -7.98 -20.58 -4.32
CA ARG B 58 -7.58 -21.87 -3.76
C ARG B 58 -7.43 -22.97 -4.81
N HIS B 59 -8.25 -22.86 -5.86
CA HIS B 59 -8.30 -23.87 -6.91
C HIS B 59 -7.13 -23.83 -7.90
N LEU B 60 -6.36 -22.74 -7.91
CA LEU B 60 -5.27 -22.59 -8.91
C LEU B 60 -4.25 -23.72 -8.86
N LYS B 61 -3.77 -24.09 -10.04
CA LYS B 61 -2.92 -25.28 -10.18
C LYS B 61 -1.45 -24.91 -9.95
N CYS B 62 -0.76 -25.78 -9.23
CA CYS B 62 0.69 -25.72 -9.07
C CYS B 62 1.45 -26.70 -9.92
N GLU B 63 2.57 -26.24 -10.45
CA GLU B 63 3.59 -27.10 -11.00
C GLU B 63 4.70 -27.20 -9.98
N GLU B 64 5.26 -28.39 -9.83
CA GLU B 64 6.52 -28.54 -9.13
C GLU B 64 7.63 -27.96 -9.98
N VAL B 65 8.59 -27.28 -9.34
CA VAL B 65 9.82 -26.75 -9.97
C VAL B 65 10.95 -26.86 -8.99
N GLU B 66 12.15 -26.99 -9.52
CA GLU B 66 13.35 -26.99 -8.68
C GLU B 66 13.63 -25.55 -8.25
N VAL B 67 14.04 -25.37 -7.01
CA VAL B 67 14.60 -24.10 -6.57
C VAL B 67 15.85 -24.32 -5.75
N GLU B 68 16.83 -23.45 -5.95
CA GLU B 68 17.98 -23.44 -5.06
C GLU B 68 17.82 -22.37 -4.03
N THR B 69 17.78 -22.78 -2.77
CA THR B 69 17.81 -21.83 -1.67
C THR B 69 19.29 -21.56 -1.33
N PRO B 70 19.55 -20.58 -0.44
CA PRO B 70 20.92 -20.25 -0.06
C PRO B 70 21.57 -21.43 0.66
N ILE B 71 20.74 -22.32 1.18
CA ILE B 71 21.21 -23.48 1.89
C ILE B 71 21.40 -24.67 0.95
N THR B 72 20.35 -24.99 0.17
CA THR B 72 20.32 -26.21 -0.65
C THR B 72 19.27 -26.11 -1.75
N LYS B 73 19.38 -27.02 -2.73
CA LYS B 73 18.36 -27.28 -3.72
C LYS B 73 17.18 -28.03 -3.12
N THR B 74 15.99 -27.70 -3.60
CA THR B 74 14.79 -28.38 -3.16
C THR B 74 13.71 -28.30 -4.26
N ILE B 75 12.54 -28.84 -3.99
CA ILE B 75 11.43 -28.81 -4.91
C ILE B 75 10.39 -27.85 -4.38
N GLY B 76 10.03 -26.86 -5.20
CA GLY B 76 9.00 -25.89 -4.86
C GLY B 76 7.92 -25.89 -5.91
N TYR B 77 7.12 -24.84 -5.92
CA TYR B 77 5.88 -24.81 -6.64
C TYR B 77 5.71 -23.48 -7.36
N ARG B 78 4.92 -23.52 -8.43
CA ARG B 78 4.77 -22.39 -9.30
C ARG B 78 3.43 -22.47 -9.98
N ILE B 79 2.86 -21.30 -10.16
CA ILE B 79 1.62 -21.07 -10.87
C ILE B 79 1.99 -20.37 -12.17
N ASN B 80 1.20 -20.60 -13.23
CA ASN B 80 1.32 -19.83 -14.51
C ASN B 80 0.65 -18.47 -14.34
N ASP B 81 1.53 -17.53 -14.11
CA ASP B 81 1.26 -16.29 -13.44
C ASP B 81 0.70 -15.24 -14.41
N LYS B 82 1.29 -15.22 -15.61
CA LYS B 82 0.83 -14.40 -16.73
C LYS B 82 -0.52 -14.93 -17.31
N ASP B 83 -0.78 -16.24 -17.12
CA ASP B 83 -2.07 -16.84 -17.48
C ASP B 83 -3.26 -16.52 -16.57
N ILE B 84 -3.05 -15.72 -15.52
CA ILE B 84 -4.17 -15.15 -14.79
C ILE B 84 -4.61 -13.82 -15.37
N VAL B 85 -5.93 -13.65 -15.44
CA VAL B 85 -6.56 -12.45 -15.93
C VAL B 85 -7.53 -11.84 -14.92
N VAL B 86 -7.34 -10.57 -14.61
CA VAL B 86 -8.22 -9.85 -13.66
C VAL B 86 -9.03 -8.80 -14.43
N VAL B 87 -10.33 -8.86 -14.25
CA VAL B 87 -11.24 -8.06 -15.05
C VAL B 87 -12.24 -7.35 -14.16
N PRO B 88 -11.95 -6.08 -13.76
CA PRO B 88 -12.97 -5.23 -13.12
C PRO B 88 -14.10 -4.80 -14.07
N ILE B 89 -15.29 -4.80 -13.52
CA ILE B 89 -16.38 -4.13 -14.13
C ILE B 89 -16.39 -2.73 -13.56
N LEU B 90 -16.31 -1.74 -14.45
CA LEU B 90 -16.35 -0.34 -14.09
C LEU B 90 -17.67 0.06 -13.44
N ARG B 91 -17.70 1.01 -12.50
CA ARG B 91 -16.54 1.62 -11.83
C ARG B 91 -16.07 0.84 -10.62
N ALA B 92 -17.04 0.32 -9.86
CA ALA B 92 -16.78 -0.11 -8.48
C ALA B 92 -15.91 -1.36 -8.34
N GLY B 93 -15.89 -2.17 -9.40
CA GLY B 93 -14.96 -3.29 -9.55
C GLY B 93 -13.48 -2.91 -9.59
N LEU B 94 -13.23 -1.65 -9.93
CA LEU B 94 -11.88 -1.03 -9.92
C LEU B 94 -11.13 -1.17 -8.60
N VAL B 95 -11.86 -0.90 -7.51
CA VAL B 95 -11.29 -0.99 -6.17
C VAL B 95 -11.04 -2.46 -5.76
N MET B 96 -11.92 -3.37 -6.21
CA MET B 96 -11.69 -4.78 -5.98
C MET B 96 -10.44 -5.24 -6.69
N ALA B 97 -10.29 -4.78 -7.91
CA ALA B 97 -9.16 -5.14 -8.75
C ALA B 97 -7.86 -4.73 -8.11
N ASP B 98 -7.84 -3.53 -7.56
CA ASP B 98 -6.71 -3.05 -6.81
C ASP B 98 -6.33 -4.01 -5.68
N GLY B 99 -7.34 -4.56 -4.99
CA GLY B 99 -7.16 -5.54 -3.91
C GLY B 99 -6.54 -6.82 -4.44
N ILE B 100 -7.20 -7.44 -5.38
CA ILE B 100 -6.76 -8.73 -5.87
C ILE B 100 -5.36 -8.66 -6.53
N LEU B 101 -5.06 -7.55 -7.20
CA LEU B 101 -3.75 -7.34 -7.83
C LEU B 101 -2.63 -7.26 -6.84
N GLU B 102 -2.93 -6.97 -5.59
CA GLU B 102 -1.92 -7.09 -4.54
C GLU B 102 -1.43 -8.54 -4.39
N LEU B 103 -2.35 -9.48 -4.58
CA LEU B 103 -2.08 -10.90 -4.46
C LEU B 103 -1.65 -11.56 -5.76
N LEU B 104 -2.22 -11.07 -6.85
CA LEU B 104 -1.89 -11.50 -8.22
C LEU B 104 -1.27 -10.34 -9.04
N PRO B 105 -0.13 -9.80 -8.60
CA PRO B 105 0.47 -8.64 -9.27
C PRO B 105 0.90 -8.85 -10.71
N ASN B 106 1.15 -10.09 -11.13
CA ASN B 106 1.58 -10.35 -12.50
C ASN B 106 0.42 -10.71 -13.45
N ALA B 107 -0.81 -10.55 -12.98
CA ALA B 107 -1.95 -10.81 -13.86
C ALA B 107 -2.03 -9.75 -14.96
N SER B 108 -2.60 -10.18 -16.06
CA SER B 108 -3.10 -9.29 -17.09
C SER B 108 -4.42 -8.72 -16.63
N VAL B 109 -4.73 -7.52 -17.08
CA VAL B 109 -5.92 -6.83 -16.62
C VAL B 109 -6.78 -6.36 -17.80
N GLY B 110 -8.06 -6.73 -17.73
CA GLY B 110 -9.05 -6.28 -18.69
C GLY B 110 -10.03 -5.37 -18.00
N HIS B 111 -10.68 -4.54 -18.78
CA HIS B 111 -11.69 -3.63 -18.27
C HIS B 111 -12.98 -3.72 -19.07
N ILE B 112 -14.08 -3.82 -18.36
CA ILE B 112 -15.36 -3.86 -19.00
C ILE B 112 -16.35 -2.84 -18.38
N GLY B 113 -16.98 -2.04 -19.26
CA GLY B 113 -18.02 -1.06 -18.93
C GLY B 113 -19.38 -1.51 -19.46
N ILE B 114 -20.34 -1.74 -18.55
CA ILE B 114 -21.71 -2.16 -18.95
C ILE B 114 -22.72 -1.22 -18.32
N TYR B 115 -23.62 -0.68 -19.16
CA TYR B 115 -24.78 0.05 -18.66
C TYR B 115 -25.96 -0.90 -18.56
N ARG B 116 -26.55 -0.95 -17.37
CA ARG B 116 -27.80 -1.67 -17.13
C ARG B 116 -28.99 -0.68 -17.07
N ASP B 117 -29.97 -0.96 -17.89
CA ASP B 117 -31.18 -0.18 -17.90
C ASP B 117 -32.13 -0.64 -16.77
N PRO B 118 -32.41 0.27 -15.82
CA PRO B 118 -33.39 0.00 -14.77
C PRO B 118 -34.82 -0.22 -15.28
N GLU B 119 -35.21 0.46 -16.33
CA GLU B 119 -36.57 0.31 -16.83
C GLU B 119 -36.80 -1.01 -17.58
N THR B 120 -35.90 -1.38 -18.48
CA THR B 120 -36.06 -2.58 -19.31
C THR B 120 -35.34 -3.83 -18.77
N LEU B 121 -34.48 -3.60 -17.78
CA LEU B 121 -33.58 -4.63 -17.23
C LEU B 121 -32.62 -5.22 -18.26
N GLN B 122 -32.36 -4.47 -19.33
CA GLN B 122 -31.39 -4.89 -20.32
C GLN B 122 -30.05 -4.27 -20.04
N ALA B 123 -29.02 -4.92 -20.50
CA ALA B 123 -27.65 -4.41 -20.35
C ALA B 123 -27.06 -4.15 -21.72
N VAL B 124 -26.21 -3.13 -21.83
CA VAL B 124 -25.39 -2.96 -23.03
C VAL B 124 -23.93 -2.61 -22.64
N GLU B 125 -22.99 -3.09 -23.44
CA GLU B 125 -21.58 -2.77 -23.31
C GLU B 125 -21.31 -1.32 -23.76
N TYR B 126 -20.59 -0.53 -22.95
CA TYR B 126 -20.08 0.72 -23.45
C TYR B 126 -18.57 0.72 -23.68
N TYR B 127 -17.87 -0.27 -23.14
CA TYR B 127 -16.45 -0.40 -23.32
C TYR B 127 -16.00 -1.79 -22.95
N ALA B 128 -15.00 -2.34 -23.64
CA ALA B 128 -14.40 -3.62 -23.25
C ALA B 128 -12.99 -3.66 -23.85
N LYS B 129 -11.99 -3.82 -23.03
CA LYS B 129 -10.61 -3.85 -23.48
C LYS B 129 -9.99 -4.96 -22.71
N LEU B 130 -9.63 -6.04 -23.42
CA LEU B 130 -9.19 -7.29 -22.84
C LEU B 130 -7.80 -7.72 -23.34
N PRO B 131 -7.04 -8.39 -22.49
CA PRO B 131 -5.80 -9.03 -22.93
C PRO B 131 -6.19 -10.32 -23.64
N PRO B 132 -5.24 -10.93 -24.34
CA PRO B 132 -5.52 -12.19 -25.06
C PRO B 132 -6.13 -13.23 -24.14
N LEU B 133 -7.16 -13.91 -24.59
CA LEU B 133 -7.80 -14.95 -23.79
C LEU B 133 -7.78 -16.25 -24.56
N ASN B 134 -7.64 -17.34 -23.80
CA ASN B 134 -7.72 -18.69 -24.33
C ASN B 134 -8.14 -19.67 -23.21
N ASP B 135 -8.19 -20.96 -23.57
CA ASP B 135 -8.62 -22.05 -22.65
C ASP B 135 -7.80 -22.13 -21.37
N ASP B 136 -6.54 -21.77 -21.49
CA ASP B 136 -5.61 -21.89 -20.38
C ASP B 136 -5.82 -20.80 -19.35
N LYS B 137 -6.36 -19.66 -19.78
CA LYS B 137 -6.47 -18.49 -18.92
C LYS B 137 -7.51 -18.60 -17.77
N GLU B 138 -7.07 -18.34 -16.53
CA GLU B 138 -7.94 -18.25 -15.38
C GLU B 138 -8.39 -16.81 -15.23
N VAL B 139 -9.64 -16.54 -15.48
CA VAL B 139 -10.19 -15.19 -15.42
C VAL B 139 -10.95 -14.96 -14.11
N PHE B 140 -10.61 -13.88 -13.41
CA PHE B 140 -11.37 -13.38 -12.27
C PHE B 140 -12.11 -12.13 -12.62
N LEU B 141 -13.42 -12.21 -12.60
CA LEU B 141 -14.31 -11.13 -12.90
C LEU B 141 -14.84 -10.54 -11.59
N LEU B 142 -14.74 -9.20 -11.43
CA LEU B 142 -14.97 -8.52 -10.15
C LEU B 142 -16.02 -7.44 -10.25
N ASP B 143 -17.07 -7.59 -9.46
CA ASP B 143 -18.09 -6.54 -9.28
C ASP B 143 -18.68 -6.69 -7.88
N PRO B 144 -18.72 -5.61 -7.09
CA PRO B 144 -19.15 -5.74 -5.71
C PRO B 144 -20.57 -6.19 -5.52
N MET B 145 -21.48 -5.64 -6.29
CA MET B 145 -22.88 -5.87 -6.06
C MET B 145 -23.49 -6.72 -7.18
N LEU B 146 -23.87 -7.93 -6.83
CA LEU B 146 -24.47 -8.87 -7.80
C LEU B 146 -25.96 -8.91 -7.50
N ALA B 147 -26.69 -8.04 -8.18
CA ALA B 147 -28.07 -7.76 -7.85
C ALA B 147 -29.05 -8.54 -8.74
N THR B 148 -29.41 -8.03 -9.92
CA THR B 148 -30.20 -8.83 -10.94
C THR B 148 -29.29 -9.81 -11.68
N GLY B 149 -28.02 -9.50 -11.72
CA GLY B 149 -27.10 -10.34 -12.45
C GLY B 149 -26.86 -9.93 -13.89
N VAL B 150 -27.62 -9.00 -14.42
CA VAL B 150 -27.52 -8.74 -15.87
C VAL B 150 -26.17 -8.18 -16.28
N SER B 151 -25.53 -7.38 -15.42
CA SER B 151 -24.24 -6.81 -15.71
C SER B 151 -23.15 -7.86 -15.77
N SER B 152 -23.10 -8.73 -14.77
CA SER B 152 -22.08 -9.75 -14.78
C SER B 152 -22.34 -10.79 -15.85
N ILE B 153 -23.59 -11.01 -16.20
CA ILE B 153 -23.89 -11.96 -17.25
C ILE B 153 -23.44 -11.39 -18.62
N LYS B 154 -23.59 -10.08 -18.83
CA LYS B 154 -23.12 -9.43 -20.05
C LYS B 154 -21.61 -9.45 -20.13
N ALA B 155 -20.94 -9.13 -19.04
CA ALA B 155 -19.48 -9.18 -18.99
C ALA B 155 -18.94 -10.61 -19.27
N ILE B 156 -19.58 -11.64 -18.71
CA ILE B 156 -19.19 -13.03 -18.96
C ILE B 156 -19.38 -13.38 -20.42
N GLU B 157 -20.51 -12.92 -20.99
CA GLU B 157 -20.78 -13.04 -22.41
C GLU B 157 -19.66 -12.49 -23.27
N ILE B 158 -19.19 -11.28 -22.94
CA ILE B 158 -18.11 -10.63 -23.66
C ILE B 158 -16.81 -11.43 -23.48
N LEU B 159 -16.57 -11.92 -22.29
CA LEU B 159 -15.36 -12.69 -22.01
C LEU B 159 -15.32 -13.96 -22.84
N LYS B 160 -16.41 -14.71 -22.80
CA LYS B 160 -16.55 -15.91 -23.58
C LYS B 160 -16.46 -15.69 -25.11
N GLU B 161 -17.06 -14.60 -25.60
CA GLU B 161 -16.91 -14.17 -26.98
C GLU B 161 -15.48 -14.00 -27.36
N ASN B 162 -14.64 -13.55 -26.44
CA ASN B 162 -13.25 -13.30 -26.73
C ASN B 162 -12.30 -14.45 -26.41
N GLY B 163 -12.86 -15.59 -26.07
CA GLY B 163 -12.07 -16.80 -25.87
C GLY B 163 -11.89 -17.27 -24.44
N ALA B 164 -12.43 -16.55 -23.45
CA ALA B 164 -12.38 -17.07 -22.06
C ALA B 164 -13.17 -18.36 -21.90
N LYS B 165 -12.66 -19.25 -21.02
CA LYS B 165 -13.31 -20.51 -20.66
C LYS B 165 -13.51 -20.52 -19.14
N LYS B 166 -12.41 -20.47 -18.39
CA LYS B 166 -12.52 -20.57 -16.93
C LYS B 166 -12.67 -19.18 -16.30
N ILE B 167 -13.84 -18.93 -15.74
CA ILE B 167 -14.17 -17.64 -15.22
C ILE B 167 -14.69 -17.84 -13.85
N THR B 168 -14.19 -17.03 -12.93
CA THR B 168 -14.62 -17.01 -11.53
C THR B 168 -15.13 -15.62 -11.22
N LEU B 169 -16.31 -15.53 -10.63
CA LEU B 169 -16.92 -14.25 -10.30
C LEU B 169 -16.70 -14.03 -8.79
N VAL B 170 -16.14 -12.87 -8.46
CA VAL B 170 -15.93 -12.44 -7.11
C VAL B 170 -16.81 -11.19 -6.89
N ALA B 171 -17.68 -11.25 -5.88
CA ALA B 171 -18.51 -10.12 -5.52
C ALA B 171 -18.56 -9.98 -4.00
N LEU B 172 -19.07 -8.84 -3.58
CA LEU B 172 -19.12 -8.53 -2.15
C LEU B 172 -20.41 -9.04 -1.57
N ILE B 173 -21.50 -8.54 -2.12
CA ILE B 173 -22.86 -8.95 -1.75
C ILE B 173 -23.62 -9.41 -3.00
N ALA B 174 -24.32 -10.53 -2.89
CA ALA B 174 -25.26 -10.94 -3.94
C ALA B 174 -26.69 -11.01 -3.43
N ALA B 175 -27.64 -10.88 -4.33
CA ALA B 175 -29.02 -11.25 -4.06
C ALA B 175 -29.28 -12.60 -4.73
N PRO B 176 -30.17 -13.39 -4.15
CA PRO B 176 -30.53 -14.69 -4.70
C PRO B 176 -30.87 -14.64 -6.18
N GLU B 177 -31.72 -13.70 -6.60
CA GLU B 177 -32.05 -13.60 -8.04
C GLU B 177 -30.92 -13.45 -8.96
N GLY B 178 -29.92 -12.66 -8.58
CA GLY B 178 -28.68 -12.47 -9.35
C GLY B 178 -27.84 -13.72 -9.45
N VAL B 179 -27.75 -14.47 -8.35
CA VAL B 179 -27.01 -15.75 -8.33
C VAL B 179 -27.69 -16.76 -9.26
N GLU B 180 -29.02 -16.88 -9.14
CA GLU B 180 -29.84 -17.76 -9.99
C GLU B 180 -29.71 -17.43 -11.46
N ALA B 181 -29.78 -16.14 -11.80
CA ALA B 181 -29.66 -15.69 -13.17
C ALA B 181 -28.31 -16.10 -13.77
N VAL B 182 -27.23 -15.93 -13.02
CA VAL B 182 -25.93 -16.35 -13.50
C VAL B 182 -25.85 -17.87 -13.71
N GLU B 183 -26.34 -18.62 -12.74
CA GLU B 183 -26.34 -20.07 -12.83
C GLU B 183 -27.22 -20.63 -13.97
N LYS B 184 -28.34 -19.97 -14.26
CA LYS B 184 -29.18 -20.34 -15.41
C LYS B 184 -28.45 -20.18 -16.73
N LYS B 185 -27.65 -19.14 -16.85
CA LYS B 185 -27.01 -18.87 -18.10
C LYS B 185 -25.67 -19.56 -18.23
N TYR B 186 -24.88 -19.48 -17.18
CA TYR B 186 -23.50 -19.89 -17.16
C TYR B 186 -23.24 -20.81 -15.97
N GLU B 187 -23.66 -22.04 -16.13
CA GLU B 187 -23.64 -23.05 -15.08
C GLU B 187 -22.25 -23.42 -14.55
N ASP B 188 -21.18 -23.06 -15.25
CA ASP B 188 -19.82 -23.39 -14.78
C ASP B 188 -19.11 -22.25 -14.10
N VAL B 189 -19.77 -21.10 -13.99
CA VAL B 189 -19.10 -19.99 -13.34
C VAL B 189 -19.30 -20.08 -11.83
N LYS B 190 -18.18 -20.19 -11.10
CA LYS B 190 -18.23 -20.17 -9.63
C LYS B 190 -18.27 -18.73 -9.12
N ILE B 191 -19.04 -18.52 -8.05
CA ILE B 191 -19.27 -17.18 -7.52
C ILE B 191 -18.86 -17.18 -6.07
N TYR B 192 -17.93 -16.30 -5.72
CA TYR B 192 -17.48 -16.09 -4.36
C TYR B 192 -18.01 -14.77 -3.85
N VAL B 193 -18.66 -14.76 -2.69
CA VAL B 193 -19.18 -13.52 -2.10
C VAL B 193 -18.95 -13.46 -0.61
N ALA B 194 -19.05 -12.26 -0.04
CA ALA B 194 -18.99 -12.02 1.43
C ALA B 194 -20.32 -12.26 2.07
N ALA B 195 -21.41 -12.11 1.31
CA ALA B 195 -22.72 -12.23 1.84
C ALA B 195 -23.73 -12.46 0.76
N LEU B 196 -24.74 -13.23 1.10
CA LEU B 196 -25.94 -13.38 0.31
C LEU B 196 -27.05 -12.71 1.09
N ASP B 197 -27.64 -11.67 0.50
CA ASP B 197 -28.67 -10.89 1.15
C ASP B 197 -30.02 -11.46 0.76
N GLU B 198 -31.10 -10.70 1.04
CA GLU B 198 -32.45 -11.23 1.06
C GLU B 198 -33.12 -11.15 -0.33
N ARG B 199 -33.05 -9.97 -0.97
CA ARG B 199 -33.81 -9.75 -2.19
C ARG B 199 -33.46 -8.36 -2.75
N LEU B 200 -34.10 -7.98 -3.84
CA LEU B 200 -33.92 -6.64 -4.41
C LEU B 200 -35.15 -5.77 -4.10
N ASN B 201 -34.93 -4.46 -4.00
CA ASN B 201 -36.05 -3.51 -3.86
C ASN B 201 -36.59 -3.12 -5.25
N ASP B 202 -37.64 -2.29 -5.28
CA ASP B 202 -38.29 -1.97 -6.57
C ASP B 202 -37.32 -1.27 -7.57
N HIS B 203 -36.22 -0.70 -7.09
CA HIS B 203 -35.23 -0.05 -7.95
C HIS B 203 -34.02 -0.91 -8.27
N GLY B 204 -34.06 -2.18 -7.89
CA GLY B 204 -32.96 -3.11 -8.14
C GLY B 204 -31.76 -2.97 -7.21
N TYR B 205 -31.95 -2.38 -6.04
CA TYR B 205 -30.91 -2.42 -5.02
C TYR B 205 -31.12 -3.64 -4.11
N ILE B 206 -29.98 -4.21 -3.70
CA ILE B 206 -29.91 -5.33 -2.75
C ILE B 206 -30.34 -4.88 -1.35
N ILE B 207 -31.21 -5.64 -0.74
CA ILE B 207 -31.66 -5.41 0.63
C ILE B 207 -31.14 -6.54 1.51
N PRO B 208 -30.65 -6.22 2.70
CA PRO B 208 -30.40 -4.83 3.16
C PRO B 208 -29.22 -4.13 2.49
N GLY B 209 -28.32 -4.92 1.91
CA GLY B 209 -27.23 -4.40 1.15
C GLY B 209 -26.42 -3.28 1.81
N LEU B 210 -26.07 -2.28 0.98
CA LEU B 210 -25.26 -1.17 1.46
C LEU B 210 -25.46 0.10 0.64
N GLY B 211 -26.55 0.19 -0.14
CA GLY B 211 -26.76 1.35 -1.02
C GLY B 211 -26.10 1.24 -2.39
N ASP B 212 -25.64 2.39 -2.92
CA ASP B 212 -24.99 2.43 -4.25
C ASP B 212 -23.48 2.37 -4.04
N ALA B 213 -22.86 1.26 -4.46
CA ALA B 213 -21.47 1.01 -4.14
C ALA B 213 -20.55 2.04 -4.83
N GLY B 214 -20.74 2.25 -6.15
CA GLY B 214 -19.95 3.21 -6.89
C GLY B 214 -19.97 4.58 -6.26
N ASP B 215 -21.18 5.06 -5.95
CA ASP B 215 -21.35 6.38 -5.38
C ASP B 215 -20.68 6.52 -4.05
N ARG B 216 -20.79 5.49 -3.22
CA ARG B 216 -20.16 5.49 -1.88
C ARG B 216 -18.62 5.36 -1.88
N LEU B 217 -18.04 4.75 -2.95
CA LEU B 217 -16.59 4.63 -3.15
C LEU B 217 -16.01 5.95 -3.58
N PHE B 218 -16.72 6.65 -4.45
CA PHE B 218 -16.11 7.79 -5.15
C PHE B 218 -16.77 9.12 -4.84
N ARG B 219 -17.82 9.09 -4.00
CA ARG B 219 -18.60 10.28 -3.63
C ARG B 219 -19.27 10.99 -4.83
N THR B 220 -19.95 10.20 -5.65
CA THR B 220 -20.76 10.68 -6.76
C THR B 220 -22.25 10.48 -6.42
N LYS B 221 -23.13 11.20 -7.11
CA LYS B 221 -24.58 11.23 -6.75
C LYS B 221 -25.46 10.64 -7.88
N HIS C 12 9.22 28.04 -22.59
CA HIS C 12 8.42 28.96 -23.50
C HIS C 12 6.97 28.40 -23.78
N MET C 13 6.64 27.30 -23.11
CA MET C 13 5.28 26.80 -22.80
C MET C 13 4.90 27.30 -21.41
N LYS C 14 4.15 28.39 -21.43
CA LYS C 14 3.72 29.17 -20.28
C LYS C 14 3.10 28.34 -19.13
N ASN C 15 2.33 27.30 -19.45
CA ASN C 15 1.60 26.55 -18.43
C ASN C 15 2.22 25.19 -18.04
N LEU C 16 3.39 24.88 -18.60
CA LEU C 16 4.04 23.62 -18.37
C LEU C 16 5.06 23.70 -17.23
N VAL C 17 4.94 22.77 -16.30
CA VAL C 17 5.95 22.56 -15.27
C VAL C 17 6.54 21.15 -15.45
N VAL C 18 7.79 21.10 -15.86
CA VAL C 18 8.53 19.85 -15.93
C VAL C 18 9.20 19.64 -14.58
N VAL C 19 8.73 18.70 -13.79
CA VAL C 19 9.25 18.49 -12.45
C VAL C 19 10.61 17.82 -12.47
N ASP C 20 11.57 18.51 -11.88
CA ASP C 20 12.95 18.13 -11.94
C ASP C 20 13.34 17.50 -10.61
N HIS C 21 13.39 16.18 -10.55
CA HIS C 21 13.75 15.49 -9.34
C HIS C 21 14.48 14.20 -9.70
N PRO C 22 15.62 13.96 -9.08
CA PRO C 22 16.44 12.79 -9.45
C PRO C 22 15.72 11.47 -9.25
N LEU C 23 14.81 11.34 -8.30
CA LEU C 23 14.03 10.08 -8.14
C LEU C 23 13.01 9.86 -9.27
N ILE C 24 12.40 10.94 -9.74
CA ILE C 24 11.48 10.86 -10.87
C ILE C 24 12.24 10.42 -12.12
N LYS C 25 13.43 10.99 -12.36
CA LYS C 25 14.23 10.65 -13.53
C LYS C 25 14.64 9.18 -13.49
N HIS C 26 15.06 8.73 -12.31
CA HIS C 26 15.44 7.35 -12.05
C HIS C 26 14.29 6.37 -12.41
N LYS C 27 13.15 6.64 -11.80
CA LYS C 27 11.96 5.80 -11.97
C LYS C 27 11.44 5.86 -13.36
N LEU C 28 11.42 7.05 -13.97
CA LEU C 28 10.93 7.20 -15.32
C LEU C 28 11.76 6.44 -16.30
N THR C 29 13.08 6.51 -16.14
CA THR C 29 13.99 5.73 -16.97
C THR C 29 13.69 4.21 -16.94
N ILE C 30 13.36 3.68 -15.77
CA ILE C 30 12.94 2.25 -15.70
C ILE C 30 11.59 2.00 -16.47
N MET C 31 10.64 2.91 -16.33
CA MET C 31 9.40 2.80 -17.11
C MET C 31 9.70 2.83 -18.61
N ARG C 32 10.59 3.68 -19.03
CA ARG C 32 10.84 3.78 -20.45
C ARG C 32 11.42 2.49 -21.03
N ASP C 33 12.28 1.86 -20.23
CA ASP C 33 12.96 0.65 -20.59
C ASP C 33 11.95 -0.37 -21.04
N LYS C 34 12.05 -0.81 -22.30
CA LYS C 34 11.07 -1.74 -22.88
C LYS C 34 10.99 -3.11 -22.17
N ASN C 35 11.99 -3.51 -21.38
CA ASN C 35 11.96 -4.78 -20.65
C ASN C 35 11.21 -4.73 -19.36
N THR C 36 10.82 -3.55 -18.93
CA THR C 36 10.11 -3.40 -17.69
C THR C 36 8.67 -3.94 -17.87
N GLY C 37 8.34 -4.97 -17.07
CA GLY C 37 7.02 -5.64 -17.15
C GLY C 37 5.92 -4.86 -16.46
N PRO C 38 4.67 -5.35 -16.58
CA PRO C 38 3.48 -4.62 -16.06
C PRO C 38 3.41 -4.36 -14.57
N LYS C 39 3.80 -5.34 -13.74
CA LYS C 39 3.85 -5.18 -12.31
C LYS C 39 4.74 -4.00 -11.95
N GLU C 40 5.99 -4.03 -12.41
CA GLU C 40 6.92 -2.95 -12.08
C GLU C 40 6.51 -1.57 -12.69
N PHE C 41 6.03 -1.61 -13.92
CA PHE C 41 5.56 -0.39 -14.62
C PHE C 41 4.48 0.33 -13.85
N ARG C 42 3.52 -0.44 -13.34
CA ARG C 42 2.46 0.07 -12.46
C ARG C 42 2.94 0.65 -11.14
N GLU C 43 3.86 -0.06 -10.48
CA GLU C 43 4.45 0.44 -9.22
C GLU C 43 5.17 1.75 -9.48
N LEU C 44 5.96 1.82 -10.53
CA LEU C 44 6.69 3.06 -10.83
C LEU C 44 5.78 4.24 -11.18
N LEU C 45 4.72 3.97 -11.90
CA LEU C 45 3.79 5.03 -12.27
C LEU C 45 3.10 5.60 -11.03
N ARG C 46 2.68 4.74 -10.12
CA ARG C 46 2.10 5.13 -8.84
C ARG C 46 3.13 5.95 -8.00
N GLU C 47 4.38 5.46 -7.91
CA GLU C 47 5.47 6.14 -7.18
C GLU C 47 5.89 7.50 -7.76
N ILE C 48 5.92 7.64 -9.09
CA ILE C 48 6.22 8.91 -9.73
C ILE C 48 5.08 9.84 -9.48
N THR C 49 3.86 9.33 -9.57
CA THR C 49 2.74 10.21 -9.35
C THR C 49 2.79 10.81 -7.93
N LEU C 50 3.28 10.05 -6.98
CA LEU C 50 3.36 10.55 -5.62
C LEU C 50 4.29 11.76 -5.53
N LEU C 51 5.38 11.69 -6.28
CA LEU C 51 6.36 12.75 -6.30
C LEU C 51 5.84 13.96 -7.10
N LEU C 52 5.18 13.73 -8.22
CA LEU C 52 4.62 14.81 -9.02
C LEU C 52 3.52 15.56 -8.30
N ALA C 53 2.83 14.83 -7.40
CA ALA C 53 1.78 15.32 -6.50
C ALA C 53 2.26 16.42 -5.59
N TYR C 54 3.49 16.28 -5.11
CA TYR C 54 4.14 17.28 -4.29
C TYR C 54 4.02 18.65 -4.99
N GLU C 55 4.49 18.72 -6.24
CA GLU C 55 4.50 19.98 -6.98
C GLU C 55 3.10 20.38 -7.45
N ALA C 56 2.32 19.42 -7.94
CA ALA C 56 1.00 19.75 -8.41
C ALA C 56 0.04 20.25 -7.33
N THR C 57 0.26 19.94 -6.05
CA THR C 57 -0.69 20.37 -4.98
C THR C 57 -0.15 21.50 -4.11
N ARG C 58 1.06 21.95 -4.41
CA ARG C 58 1.73 22.98 -3.66
C ARG C 58 0.91 24.26 -3.57
N HIS C 59 0.06 24.48 -4.58
CA HIS C 59 -0.74 25.70 -4.69
C HIS C 59 -1.99 25.68 -3.82
N LEU C 60 -2.42 24.53 -3.31
CA LEU C 60 -3.65 24.44 -2.55
C LEU C 60 -3.66 25.37 -1.35
N LYS C 61 -4.86 25.87 -1.03
CA LYS C 61 -5.03 26.94 -0.07
C LYS C 61 -5.35 26.40 1.32
N CYS C 62 -4.63 26.93 2.31
CA CYS C 62 -4.78 26.61 3.72
C CYS C 62 -5.63 27.63 4.45
N GLU C 63 -6.49 27.15 5.33
CA GLU C 63 -7.13 27.97 6.33
C GLU C 63 -6.49 27.66 7.68
N GLU C 64 -6.25 28.68 8.48
CA GLU C 64 -5.86 28.50 9.85
C GLU C 64 -7.06 27.99 10.67
N VAL C 65 -6.80 27.07 11.60
CA VAL C 65 -7.82 26.53 12.51
C VAL C 65 -7.15 26.26 13.85
N GLU C 66 -7.93 26.28 14.93
CA GLU C 66 -7.39 25.89 16.24
C GLU C 66 -7.30 24.38 16.30
N VAL C 67 -6.24 23.86 16.92
CA VAL C 67 -6.16 22.44 17.31
C VAL C 67 -5.66 22.34 18.73
N GLU C 68 -6.23 21.39 19.46
CA GLU C 68 -5.73 21.07 20.76
C GLU C 68 -4.93 19.79 20.66
N THR C 69 -3.63 19.91 20.94
CA THR C 69 -2.76 18.77 21.02
C THR C 69 -2.88 18.19 22.43
N PRO C 70 -2.32 17.01 22.69
CA PRO C 70 -2.34 16.49 24.06
C PRO C 70 -1.61 17.42 25.04
N ILE C 71 -0.70 18.27 24.55
CA ILE C 71 0.06 19.17 25.41
C ILE C 71 -0.62 20.53 25.59
N THR C 72 -1.06 21.12 24.48
CA THR C 72 -1.69 22.46 24.52
C THR C 72 -2.46 22.78 23.25
N LYS C 73 -3.27 23.82 23.31
CA LYS C 73 -3.90 24.43 22.14
C LYS C 73 -2.93 25.22 21.29
N THR C 74 -3.13 25.17 19.98
CA THR C 74 -2.29 25.90 19.06
C THR C 74 -3.08 26.16 17.77
N ILE C 75 -2.45 26.85 16.84
CA ILE C 75 -3.05 27.19 15.57
C ILE C 75 -2.44 26.26 14.51
N GLY C 76 -3.31 25.54 13.79
CA GLY C 76 -2.92 24.72 12.68
C GLY C 76 -3.59 25.11 11.38
N TYR C 77 -3.58 24.19 10.43
CA TYR C 77 -4.01 24.45 9.07
C TYR C 77 -4.91 23.34 8.53
N ARG C 78 -5.68 23.73 7.54
CA ARG C 78 -6.66 22.85 7.00
C ARG C 78 -6.96 23.26 5.57
N ILE C 79 -7.09 22.25 4.73
CA ILE C 79 -7.52 22.37 3.36
C ILE C 79 -8.96 21.89 3.29
N ASN C 80 -9.74 22.43 2.35
CA ASN C 80 -11.09 21.92 2.07
C ASN C 80 -10.94 20.65 1.25
N ASP C 81 -11.14 19.56 1.95
CA ASP C 81 -10.69 18.25 1.55
C ASP C 81 -11.65 17.59 0.57
N LYS C 82 -12.94 17.73 0.89
CA LYS C 82 -14.02 17.21 0.04
C LYS C 82 -14.15 18.01 -1.26
N ASP C 83 -13.68 19.28 -1.21
CA ASP C 83 -13.56 20.17 -2.40
C ASP C 83 -12.44 19.81 -3.40
N ILE C 84 -11.65 18.79 -3.11
CA ILE C 84 -10.74 18.25 -4.11
C ILE C 84 -11.38 17.12 -4.95
N VAL C 85 -11.15 17.20 -6.26
CA VAL C 85 -11.68 16.22 -7.18
C VAL C 85 -10.52 15.59 -7.99
N VAL C 86 -10.48 14.26 -7.99
CA VAL C 86 -9.46 13.51 -8.71
C VAL C 86 -10.15 12.79 -9.87
N VAL C 87 -9.66 12.98 -11.07
CA VAL C 87 -10.29 12.45 -12.26
C VAL C 87 -9.28 11.75 -13.13
N PRO C 88 -9.17 10.42 -13.05
CA PRO C 88 -8.46 9.67 -14.07
C PRO C 88 -9.14 9.70 -15.44
N ILE C 89 -8.31 9.72 -16.47
CA ILE C 89 -8.76 9.31 -17.80
C ILE C 89 -8.48 7.82 -17.91
N LEU C 90 -9.52 7.04 -18.16
CA LEU C 90 -9.35 5.59 -18.31
C LEU C 90 -8.60 5.27 -19.62
N ARG C 91 -7.80 4.21 -19.68
CA ARG C 91 -7.52 3.28 -18.56
C ARG C 91 -6.33 3.72 -17.73
N ALA C 92 -5.33 4.28 -18.37
CA ALA C 92 -3.99 4.44 -17.78
C ALA C 92 -3.96 5.40 -16.65
N GLY C 93 -4.82 6.42 -16.74
CA GLY C 93 -5.05 7.37 -15.67
C GLY C 93 -5.41 6.74 -14.32
N LEU C 94 -6.01 5.55 -14.34
CA LEU C 94 -6.39 4.80 -13.09
C LEU C 94 -5.22 4.59 -12.13
N VAL C 95 -4.08 4.21 -12.68
CA VAL C 95 -2.94 3.92 -11.83
C VAL C 95 -2.44 5.22 -11.19
N MET C 96 -2.47 6.31 -11.96
CA MET C 96 -2.11 7.61 -11.45
C MET C 96 -3.06 8.05 -10.32
N ALA C 97 -4.35 7.79 -10.51
CA ALA C 97 -5.33 8.19 -9.51
C ALA C 97 -5.12 7.47 -8.20
N ASP C 98 -4.80 6.20 -8.29
CA ASP C 98 -4.44 5.40 -7.13
C ASP C 98 -3.28 6.02 -6.33
N GLY C 99 -2.26 6.49 -7.04
CA GLY C 99 -1.15 7.19 -6.40
C GLY C 99 -1.58 8.49 -5.73
N ILE C 100 -2.23 9.37 -6.46
CA ILE C 100 -2.60 10.67 -5.89
C ILE C 100 -3.57 10.50 -4.71
N LEU C 101 -4.45 9.50 -4.78
CA LEU C 101 -5.41 9.23 -3.71
C LEU C 101 -4.78 8.78 -2.42
N GLU C 102 -3.53 8.31 -2.51
CA GLU C 102 -2.76 8.04 -1.31
C GLU C 102 -2.45 9.30 -0.52
N LEU C 103 -2.34 10.43 -1.24
CA LEU C 103 -2.07 11.75 -0.64
C LEU C 103 -3.33 12.56 -0.42
N LEU C 104 -4.32 12.36 -1.26
CA LEU C 104 -5.60 13.03 -1.17
C LEU C 104 -6.73 12.00 -1.02
N PRO C 105 -6.68 11.19 0.03
CA PRO C 105 -7.66 10.11 0.22
C PRO C 105 -9.12 10.52 0.41
N ASN C 106 -9.37 11.76 0.79
CA ASN C 106 -10.74 12.24 0.98
C ASN C 106 -11.30 13.00 -0.20
N ALA C 107 -10.61 12.94 -1.34
CA ALA C 107 -11.07 13.60 -2.56
C ALA C 107 -12.21 12.80 -3.14
N SER C 108 -13.09 13.52 -3.86
CA SER C 108 -14.14 12.90 -4.68
C SER C 108 -13.43 12.42 -5.92
N VAL C 109 -14.01 11.42 -6.59
CA VAL C 109 -13.37 10.82 -7.76
C VAL C 109 -14.35 10.79 -8.90
N GLY C 110 -13.95 11.34 -10.05
CA GLY C 110 -14.71 11.19 -11.27
C GLY C 110 -13.93 10.24 -12.16
N HIS C 111 -14.59 9.75 -13.19
CA HIS C 111 -13.95 8.92 -14.18
C HIS C 111 -14.37 9.44 -15.53
N ILE C 112 -13.42 9.52 -16.46
CA ILE C 112 -13.68 9.88 -17.82
C ILE C 112 -13.06 8.83 -18.71
N GLY C 113 -13.90 8.13 -19.44
CA GLY C 113 -13.47 7.15 -20.38
C GLY C 113 -13.30 7.76 -21.76
N ILE C 114 -12.04 7.90 -22.16
CA ILE C 114 -11.69 8.30 -23.52
C ILE C 114 -10.58 7.39 -23.97
N TYR C 115 -10.67 6.94 -25.20
CA TYR C 115 -9.50 6.37 -25.89
C TYR C 115 -9.25 7.19 -27.14
N ARG C 116 -8.01 7.13 -27.62
CA ARG C 116 -7.63 7.71 -28.90
C ARG C 116 -7.64 6.63 -29.98
N ASP C 117 -8.45 6.87 -31.01
CA ASP C 117 -8.48 6.00 -32.17
C ASP C 117 -7.11 5.94 -32.83
N PRO C 118 -6.46 4.77 -32.88
CA PRO C 118 -5.08 4.64 -33.38
C PRO C 118 -4.93 5.14 -34.82
N GLU C 119 -5.95 4.88 -35.63
CA GLU C 119 -5.93 5.30 -36.99
C GLU C 119 -6.24 6.79 -37.08
N THR C 120 -7.40 7.25 -36.61
CA THR C 120 -7.80 8.67 -36.85
C THR C 120 -7.10 9.66 -35.93
N LEU C 121 -6.61 9.15 -34.80
CA LEU C 121 -5.99 9.98 -33.75
C LEU C 121 -6.97 10.98 -33.12
N GLN C 122 -8.25 10.65 -33.22
CA GLN C 122 -9.29 11.43 -32.55
C GLN C 122 -9.70 10.75 -31.23
N ALA C 123 -10.12 11.57 -30.29
CA ALA C 123 -10.60 11.14 -28.99
C ALA C 123 -12.02 10.57 -29.12
N VAL C 124 -12.24 9.39 -28.53
CA VAL C 124 -13.57 8.85 -28.38
C VAL C 124 -13.95 8.73 -26.89
N GLU C 125 -14.99 9.46 -26.49
CA GLU C 125 -15.57 9.41 -25.15
C GLU C 125 -16.58 8.27 -24.99
N TYR C 126 -16.37 7.36 -24.04
CA TYR C 126 -17.34 6.29 -23.77
C TYR C 126 -17.94 6.35 -22.37
N TYR C 127 -17.43 7.21 -21.50
CA TYR C 127 -17.89 7.29 -20.15
C TYR C 127 -17.48 8.60 -19.53
N ALA C 128 -18.37 9.16 -18.74
CA ALA C 128 -18.05 10.27 -17.88
C ALA C 128 -19.04 10.17 -16.73
N LYS C 129 -18.48 10.01 -15.53
CA LYS C 129 -19.26 10.00 -14.27
C LYS C 129 -18.46 10.87 -13.30
N LEU C 130 -19.05 12.02 -12.97
CA LEU C 130 -18.37 13.08 -12.19
C LEU C 130 -19.11 13.37 -10.90
N PRO C 131 -18.36 13.71 -9.85
CA PRO C 131 -18.97 14.25 -8.64
C PRO C 131 -19.40 15.69 -8.90
N PRO C 132 -20.22 16.27 -8.03
CA PRO C 132 -20.67 17.65 -8.25
C PRO C 132 -19.48 18.56 -8.41
N LEU C 133 -19.55 19.49 -9.35
CA LEU C 133 -18.46 20.42 -9.62
C LEU C 133 -18.98 21.84 -9.53
N ASN C 134 -18.13 22.73 -9.02
CA ASN C 134 -18.40 24.17 -9.01
C ASN C 134 -17.07 24.95 -8.99
N ASP C 135 -17.19 26.28 -8.87
CA ASP C 135 -16.04 27.19 -8.89
C ASP C 135 -15.06 26.93 -7.77
N ASP C 136 -15.54 26.42 -6.64
CA ASP C 136 -14.70 26.14 -5.47
C ASP C 136 -13.83 24.89 -5.69
N LYS C 137 -14.30 23.94 -6.48
CA LYS C 137 -13.62 22.64 -6.64
C LYS C 137 -12.27 22.74 -7.32
N GLU C 138 -11.25 22.14 -6.71
CA GLU C 138 -9.93 21.92 -7.30
C GLU C 138 -9.91 20.55 -7.99
N VAL C 139 -9.81 20.56 -9.32
CA VAL C 139 -9.80 19.31 -10.07
C VAL C 139 -8.42 18.94 -10.59
N PHE C 140 -8.04 17.69 -10.30
CA PHE C 140 -6.80 17.11 -10.79
C PHE C 140 -7.14 16.00 -11.79
N LEU C 141 -6.77 16.28 -13.04
CA LEU C 141 -7.01 15.42 -14.18
C LEU C 141 -5.69 14.66 -14.47
N LEU C 142 -5.79 13.32 -14.54
CA LEU C 142 -4.58 12.49 -14.65
C LEU C 142 -4.59 11.56 -15.88
N ASP C 143 -3.56 11.70 -16.72
CA ASP C 143 -3.35 10.78 -17.86
C ASP C 143 -1.84 10.79 -18.19
N PRO C 144 -1.19 9.63 -18.18
CA PRO C 144 0.25 9.56 -18.30
C PRO C 144 0.88 10.16 -19.55
N MET C 145 0.26 9.92 -20.71
CA MET C 145 0.81 10.36 -21.99
C MET C 145 -0.02 11.48 -22.57
N LEU C 146 0.62 12.64 -22.66
CA LEU C 146 0.04 13.79 -23.30
C LEU C 146 0.77 13.99 -24.64
N ALA C 147 0.16 13.45 -25.70
CA ALA C 147 0.80 13.37 -27.00
C ALA C 147 0.28 14.43 -27.99
N THR C 148 -0.83 14.18 -28.69
CA THR C 148 -1.46 15.22 -29.51
C THR C 148 -2.27 16.20 -28.66
N GLY C 149 -2.75 15.76 -27.49
CA GLY C 149 -3.57 16.59 -26.62
C GLY C 149 -5.06 16.34 -26.75
N VAL C 150 -5.49 15.64 -27.77
CA VAL C 150 -6.93 15.55 -28.02
C VAL C 150 -7.68 14.96 -26.83
N SER C 151 -7.10 13.95 -26.23
CA SER C 151 -7.74 13.25 -25.12
C SER C 151 -7.97 14.14 -23.93
N SER C 152 -6.90 14.76 -23.46
CA SER C 152 -6.98 15.66 -22.33
C SER C 152 -7.83 16.90 -22.63
N ILE C 153 -7.87 17.36 -23.86
CA ILE C 153 -8.66 18.53 -24.21
C ILE C 153 -10.16 18.17 -24.13
N LYS C 154 -10.50 16.95 -24.55
CA LYS C 154 -11.85 16.47 -24.52
C LYS C 154 -12.37 16.28 -23.08
N ALA C 155 -11.49 15.74 -22.26
CA ALA C 155 -11.75 15.57 -20.86
C ALA C 155 -11.92 16.92 -20.13
N ILE C 156 -11.11 17.90 -20.49
CA ILE C 156 -11.24 19.25 -19.92
C ILE C 156 -12.57 19.84 -20.33
N GLU C 157 -12.91 19.67 -21.61
CA GLU C 157 -14.21 20.09 -22.17
C GLU C 157 -15.40 19.61 -21.32
N ILE C 158 -15.36 18.32 -21.03
CA ILE C 158 -16.39 17.63 -20.26
C ILE C 158 -16.47 18.16 -18.84
N LEU C 159 -15.30 18.38 -18.24
CA LEU C 159 -15.22 18.93 -16.89
C LEU C 159 -15.82 20.33 -16.80
N LYS C 160 -15.35 21.24 -17.68
CA LYS C 160 -15.85 22.61 -17.81
C LYS C 160 -17.37 22.64 -18.05
N GLU C 161 -17.84 21.76 -18.94
CA GLU C 161 -19.28 21.55 -19.22
C GLU C 161 -20.09 21.24 -17.98
N ASN C 162 -19.47 20.54 -17.05
CA ASN C 162 -20.11 20.12 -15.80
C ASN C 162 -19.82 21.03 -14.60
N GLY C 163 -19.21 22.19 -14.82
CA GLY C 163 -19.08 23.19 -13.77
C GLY C 163 -17.69 23.39 -13.20
N ALA C 164 -16.73 22.60 -13.66
CA ALA C 164 -15.33 22.75 -13.23
C ALA C 164 -14.74 24.07 -13.72
N LYS C 165 -13.92 24.69 -12.86
CA LYS C 165 -13.22 25.92 -13.18
C LYS C 165 -11.73 25.69 -13.01
N LYS C 166 -11.27 25.40 -11.81
CA LYS C 166 -9.85 25.22 -11.56
C LYS C 166 -9.43 23.76 -11.85
N ILE C 167 -8.65 23.59 -12.90
CA ILE C 167 -8.25 22.27 -13.36
C ILE C 167 -6.74 22.24 -13.54
N THR C 168 -6.13 21.20 -13.00
CA THR C 168 -4.70 20.96 -13.14
C THR C 168 -4.52 19.62 -13.82
N LEU C 169 -3.69 19.58 -14.85
CA LEU C 169 -3.34 18.32 -15.55
C LEU C 169 -2.03 17.81 -14.99
N VAL C 170 -2.04 16.53 -14.60
CA VAL C 170 -0.84 15.77 -14.20
C VAL C 170 -0.64 14.63 -15.23
N ALA C 171 0.49 14.67 -15.92
CA ALA C 171 0.87 13.62 -16.82
C ALA C 171 2.29 13.15 -16.51
N LEU C 172 2.71 12.09 -17.15
CA LEU C 172 4.05 11.58 -16.94
C LEU C 172 5.02 12.18 -17.95
N ILE C 173 4.70 11.97 -19.23
CA ILE C 173 5.47 12.53 -20.32
C ILE C 173 4.50 13.32 -21.20
N ALA C 174 4.98 14.47 -21.66
CA ALA C 174 4.28 15.23 -22.72
C ALA C 174 5.14 15.43 -23.95
N ALA C 175 4.48 15.60 -25.08
CA ALA C 175 5.15 16.09 -26.30
C ALA C 175 4.78 17.56 -26.42
N PRO C 176 5.68 18.35 -27.01
CA PRO C 176 5.46 19.76 -27.22
C PRO C 176 4.13 20.09 -27.89
N GLU C 177 3.77 19.36 -28.97
CA GLU C 177 2.52 19.67 -29.65
C GLU C 177 1.29 19.48 -28.78
N GLY C 178 1.25 18.43 -27.97
CA GLY C 178 0.18 18.25 -26.99
C GLY C 178 0.09 19.41 -25.99
N VAL C 179 1.23 19.83 -25.45
CA VAL C 179 1.25 20.95 -24.51
C VAL C 179 0.70 22.26 -25.13
N GLU C 180 1.17 22.53 -26.33
CA GLU C 180 0.73 23.66 -27.10
C GLU C 180 -0.76 23.63 -27.42
N ALA C 181 -1.27 22.45 -27.78
CA ALA C 181 -2.68 22.30 -28.09
C ALA C 181 -3.55 22.59 -26.87
N VAL C 182 -3.13 22.11 -25.71
CA VAL C 182 -3.85 22.38 -24.47
C VAL C 182 -3.81 23.88 -24.15
N GLU C 183 -2.64 24.51 -24.30
CA GLU C 183 -2.51 25.94 -24.05
C GLU C 183 -3.40 26.76 -24.99
N LYS C 184 -3.44 26.39 -26.26
CA LYS C 184 -4.27 27.10 -27.24
C LYS C 184 -5.75 27.13 -26.85
N LYS C 185 -6.25 26.04 -26.32
CA LYS C 185 -7.67 25.91 -26.01
C LYS C 185 -7.98 26.41 -24.60
N TYR C 186 -7.16 25.98 -23.63
CA TYR C 186 -7.42 26.18 -22.22
C TYR C 186 -6.20 26.80 -21.59
N GLU C 187 -6.05 28.12 -21.80
CA GLU C 187 -4.87 28.84 -21.33
C GLU C 187 -4.70 28.88 -19.81
N ASP C 188 -5.71 28.49 -19.05
CA ASP C 188 -5.63 28.55 -17.60
C ASP C 188 -5.30 27.21 -16.95
N VAL C 189 -5.13 26.17 -17.75
CA VAL C 189 -4.86 24.84 -17.21
C VAL C 189 -3.36 24.62 -17.06
N LYS C 190 -2.89 24.47 -15.81
CA LYS C 190 -1.48 24.13 -15.56
C LYS C 190 -1.24 22.64 -15.77
N ILE C 191 -0.08 22.33 -16.31
CA ILE C 191 0.31 20.94 -16.61
C ILE C 191 1.63 20.62 -15.89
N TYR C 192 1.56 19.59 -15.04
CA TYR C 192 2.72 19.06 -14.37
C TYR C 192 3.10 17.73 -14.99
N VAL C 193 4.37 17.58 -15.37
CA VAL C 193 4.86 16.33 -15.99
C VAL C 193 6.24 15.96 -15.48
N ALA C 194 6.63 14.71 -15.73
CA ALA C 194 7.95 14.21 -15.36
C ALA C 194 8.95 14.52 -16.49
N ALA C 195 8.46 14.64 -17.72
CA ALA C 195 9.38 14.90 -18.80
C ALA C 195 8.65 15.44 -19.99
N LEU C 196 9.33 16.33 -20.72
CA LEU C 196 8.90 16.81 -21.99
C LEU C 196 9.81 16.17 -23.03
N ASP C 197 9.24 15.33 -23.90
CA ASP C 197 10.00 14.64 -24.93
C ASP C 197 10.02 15.47 -26.21
N GLU C 198 10.43 14.85 -27.31
CA GLU C 198 10.84 15.61 -28.47
C GLU C 198 9.72 15.88 -29.45
N ARG C 199 8.93 14.86 -29.75
CA ARG C 199 7.92 14.94 -30.79
C ARG C 199 7.13 13.64 -30.88
N LEU C 200 6.20 13.60 -31.82
CA LEU C 200 5.35 12.45 -32.05
C LEU C 200 5.80 11.70 -33.30
N ASN C 201 5.65 10.39 -33.35
CA ASN C 201 5.93 9.71 -34.61
C ASN C 201 4.65 9.72 -35.49
N ASP C 202 4.70 9.01 -36.61
CA ASP C 202 3.58 8.97 -37.54
C ASP C 202 2.28 8.39 -36.97
N HIS C 203 2.37 7.56 -35.93
CA HIS C 203 1.18 6.94 -35.33
C HIS C 203 0.73 7.63 -34.03
N GLY C 204 1.29 8.82 -33.75
CA GLY C 204 0.92 9.63 -32.62
C GLY C 204 1.56 9.20 -31.31
N TYR C 205 2.62 8.40 -31.37
CA TYR C 205 3.37 8.02 -30.18
C TYR C 205 4.47 9.02 -29.90
N ILE C 206 4.66 9.31 -28.62
CA ILE C 206 5.73 10.17 -28.13
C ILE C 206 7.10 9.50 -28.32
N ILE C 207 8.02 10.27 -28.87
CA ILE C 207 9.40 9.89 -29.07
C ILE C 207 10.25 10.71 -28.10
N PRO C 208 11.16 10.08 -27.34
CA PRO C 208 11.34 8.62 -27.26
C PRO C 208 10.26 7.89 -26.45
N GLY C 209 9.63 8.65 -25.56
CA GLY C 209 8.51 8.15 -24.78
C GLY C 209 8.73 6.83 -24.07
N LEU C 210 7.73 5.97 -24.14
CA LEU C 210 7.79 4.67 -23.47
C LEU C 210 6.85 3.61 -24.07
N GLY C 211 6.38 3.82 -25.31
CA GLY C 211 5.40 2.91 -25.96
C GLY C 211 3.95 3.21 -25.62
N ASP C 212 3.12 2.15 -25.49
CA ASP C 212 1.70 2.30 -25.14
C ASP C 212 1.46 2.06 -23.66
N ALA C 213 1.05 3.11 -22.97
CA ALA C 213 1.04 3.13 -21.52
C ALA C 213 0.02 2.16 -20.98
N GLY C 214 -1.21 2.22 -21.52
CA GLY C 214 -2.29 1.30 -21.16
C GLY C 214 -1.96 -0.17 -21.36
N ASP C 215 -1.35 -0.52 -22.47
CA ASP C 215 -0.95 -1.88 -22.73
C ASP C 215 0.15 -2.37 -21.81
N ARG C 216 1.13 -1.52 -21.56
CA ARG C 216 2.24 -1.84 -20.67
C ARG C 216 1.89 -1.94 -19.19
N LEU C 217 0.82 -1.27 -18.79
CA LEU C 217 0.25 -1.32 -17.43
C LEU C 217 -0.53 -2.58 -17.17
N PHE C 218 -1.30 -2.99 -18.17
CA PHE C 218 -2.30 -4.01 -18.01
C PHE C 218 -2.04 -5.29 -18.82
N ARG C 219 -0.98 -5.30 -19.60
CA ARG C 219 -0.63 -6.41 -20.48
C ARG C 219 -1.74 -6.71 -21.54
N THR C 220 -2.22 -5.65 -22.16
CA THR C 220 -3.12 -5.77 -23.30
C THR C 220 -2.34 -5.50 -24.59
N LYS C 221 -2.89 -5.92 -25.73
CA LYS C 221 -2.22 -5.79 -27.05
C LYS C 221 -2.95 -4.76 -27.95
N HIS D 12 19.05 31.30 12.43
CA HIS D 12 20.05 30.74 13.42
C HIS D 12 20.32 29.23 13.21
N MET D 13 19.70 28.62 12.19
CA MET D 13 19.73 27.15 12.03
C MET D 13 20.10 26.72 10.62
N LYS D 14 21.41 26.77 10.42
CA LYS D 14 22.14 26.52 9.19
C LYS D 14 21.71 25.27 8.43
N ASN D 15 21.50 24.19 9.17
CA ASN D 15 21.28 22.86 8.57
C ASN D 15 19.82 22.42 8.52
N LEU D 16 18.90 23.29 8.95
CA LEU D 16 17.49 22.98 9.05
C LEU D 16 16.69 23.40 7.84
N VAL D 17 15.94 22.43 7.26
CA VAL D 17 14.94 22.71 6.25
C VAL D 17 13.57 22.40 6.82
N VAL D 18 12.76 23.44 6.98
CA VAL D 18 11.34 23.28 7.32
C VAL D 18 10.57 23.23 6.03
N VAL D 19 10.08 22.07 5.67
CA VAL D 19 9.38 21.87 4.40
C VAL D 19 7.98 22.50 4.46
N ASP D 20 7.75 23.42 3.54
CA ASP D 20 6.57 24.23 3.50
C ASP D 20 5.65 23.74 2.38
N HIS D 21 4.61 22.98 2.76
CA HIS D 21 3.67 22.48 1.80
C HIS D 21 2.30 22.38 2.44
N PRO D 22 1.27 22.88 1.77
CA PRO D 22 -0.05 22.91 2.36
C PRO D 22 -0.61 21.54 2.78
N LEU D 23 -0.24 20.46 2.09
CA LEU D 23 -0.71 19.15 2.47
C LEU D 23 -0.08 18.66 3.71
N ILE D 24 1.19 18.99 3.90
CA ILE D 24 1.93 18.62 5.11
C ILE D 24 1.35 19.35 6.31
N LYS D 25 1.06 20.63 6.14
CA LYS D 25 0.45 21.43 7.20
C LYS D 25 -0.91 20.88 7.61
N HIS D 26 -1.68 20.52 6.60
CA HIS D 26 -2.99 19.94 6.78
C HIS D 26 -2.94 18.64 7.58
N LYS D 27 -2.13 17.71 7.08
CA LYS D 27 -1.97 16.38 7.68
C LYS D 27 -1.32 16.45 9.05
N LEU D 28 -0.36 17.34 9.23
CA LEU D 28 0.31 17.50 10.52
C LEU D 28 -0.64 18.05 11.60
N THR D 29 -1.49 18.98 11.21
CA THR D 29 -2.54 19.47 12.08
C THR D 29 -3.47 18.35 12.58
N ILE D 30 -3.79 17.40 11.71
CA ILE D 30 -4.58 16.25 12.14
C ILE D 30 -3.84 15.36 13.12
N MET D 31 -2.55 15.13 12.89
CA MET D 31 -1.73 14.35 13.85
C MET D 31 -1.69 15.05 15.21
N ARG D 32 -1.54 16.36 15.19
CA ARG D 32 -1.42 17.12 16.43
C ARG D 32 -2.69 16.99 17.31
N ASP D 33 -3.82 17.03 16.64
CA ASP D 33 -5.12 16.92 17.29
C ASP D 33 -5.15 15.69 18.18
N LYS D 34 -5.37 15.90 19.48
CA LYS D 34 -5.36 14.80 20.49
C LYS D 34 -6.40 13.67 20.26
N ASN D 35 -7.45 13.97 19.51
CA ASN D 35 -8.48 12.98 19.21
C ASN D 35 -8.10 12.00 18.12
N THR D 36 -7.04 12.27 17.39
CA THR D 36 -6.66 11.43 16.28
C THR D 36 -6.10 10.09 16.82
N GLY D 37 -6.79 8.98 16.47
CA GLY D 37 -6.42 7.65 16.94
C GLY D 37 -5.22 7.05 16.20
N PRO D 38 -4.76 5.88 16.66
CA PRO D 38 -3.55 5.26 16.15
C PRO D 38 -3.53 4.89 14.67
N LYS D 39 -4.65 4.38 14.15
CA LYS D 39 -4.79 4.03 12.74
C LYS D 39 -4.55 5.25 11.85
N GLU D 40 -5.29 6.32 12.12
CA GLU D 40 -5.17 7.53 11.36
C GLU D 40 -3.82 8.21 11.55
N PHE D 41 -3.30 8.18 12.78
CA PHE D 41 -1.99 8.83 13.12
C PHE D 41 -0.82 8.19 12.36
N ARG D 42 -0.84 6.86 12.28
CA ARG D 42 0.11 6.08 11.45
C ARG D 42 0.02 6.38 9.97
N GLU D 43 -1.20 6.43 9.47
CA GLU D 43 -1.44 6.77 8.08
C GLU D 43 -0.83 8.11 7.74
N LEU D 44 -1.16 9.11 8.53
CA LEU D 44 -0.70 10.44 8.31
C LEU D 44 0.84 10.58 8.42
N LEU D 45 1.45 9.87 9.35
CA LEU D 45 2.86 9.89 9.49
C LEU D 45 3.53 9.36 8.21
N ARG D 46 3.04 8.24 7.69
CA ARG D 46 3.56 7.66 6.47
C ARG D 46 3.38 8.65 5.30
N GLU D 47 2.19 9.22 5.17
CA GLU D 47 1.89 10.16 4.10
C GLU D 47 2.72 11.44 4.14
N ILE D 48 2.98 11.96 5.33
CA ILE D 48 3.83 13.13 5.48
C ILE D 48 5.28 12.80 5.16
N THR D 49 5.70 11.62 5.60
CA THR D 49 7.04 11.17 5.29
C THR D 49 7.22 11.10 3.75
N LEU D 50 6.21 10.66 3.02
CA LEU D 50 6.29 10.63 1.57
C LEU D 50 6.51 12.01 0.92
N LEU D 51 5.87 13.03 1.46
CA LEU D 51 6.05 14.38 1.00
C LEU D 51 7.41 14.99 1.42
N LEU D 52 7.82 14.76 2.66
CA LEU D 52 9.12 15.21 3.15
C LEU D 52 10.26 14.57 2.38
N ALA D 53 10.01 13.36 1.89
CA ALA D 53 10.94 12.58 1.03
C ALA D 53 11.27 13.30 -0.22
N TYR D 54 10.28 13.97 -0.77
CA TYR D 54 10.51 14.74 -2.00
C TYR D 54 11.76 15.68 -1.79
N GLU D 55 11.73 16.43 -0.69
CA GLU D 55 12.72 17.45 -0.44
C GLU D 55 14.01 16.85 0.07
N ALA D 56 13.86 15.83 0.91
CA ALA D 56 15.02 15.20 1.51
C ALA D 56 15.88 14.43 0.53
N THR D 57 15.34 14.02 -0.62
CA THR D 57 16.07 13.20 -1.63
C THR D 57 16.41 13.95 -2.87
N ARG D 58 16.01 15.21 -2.92
CA ARG D 58 16.27 16.10 -4.07
C ARG D 58 17.74 16.18 -4.45
N HIS D 59 18.61 16.06 -3.46
CA HIS D 59 20.04 16.19 -3.65
C HIS D 59 20.72 14.95 -4.32
N LEU D 60 20.04 13.80 -4.35
CA LEU D 60 20.62 12.57 -4.84
C LEU D 60 21.12 12.71 -6.26
N LYS D 61 22.26 12.08 -6.53
CA LYS D 61 22.98 12.27 -7.78
C LYS D 61 22.49 11.25 -8.82
N CYS D 62 22.32 11.75 -10.04
CA CYS D 62 22.04 10.95 -11.22
C CYS D 62 23.25 10.67 -12.07
N GLU D 63 23.31 9.47 -12.64
CA GLU D 63 24.17 9.15 -13.76
C GLU D 63 23.30 9.06 -14.97
N GLU D 64 23.80 9.57 -16.10
CA GLU D 64 23.21 9.27 -17.41
C GLU D 64 23.48 7.83 -17.82
N VAL D 65 22.47 7.21 -18.40
CA VAL D 65 22.51 5.84 -18.90
C VAL D 65 21.69 5.71 -20.15
N GLU D 66 22.11 4.85 -21.06
CA GLU D 66 21.28 4.60 -22.24
C GLU D 66 20.10 3.73 -21.86
N VAL D 67 18.95 3.98 -22.48
CA VAL D 67 17.79 3.12 -22.38
C VAL D 67 17.16 2.95 -23.74
N GLU D 68 16.69 1.75 -24.02
CA GLU D 68 15.89 1.53 -25.19
C GLU D 68 14.43 1.46 -24.74
N THR D 69 13.62 2.36 -25.26
CA THR D 69 12.19 2.31 -25.10
C THR D 69 11.62 1.47 -26.26
N PRO D 70 10.33 1.11 -26.19
CA PRO D 70 9.72 0.35 -27.30
C PRO D 70 9.75 1.11 -28.61
N ILE D 71 9.93 2.42 -28.56
CA ILE D 71 10.00 3.22 -29.78
C ILE D 71 11.42 3.43 -30.27
N THR D 72 12.33 3.77 -29.36
CA THR D 72 13.72 4.04 -29.73
C THR D 72 14.62 4.09 -28.51
N LYS D 73 15.92 4.11 -28.76
CA LYS D 73 16.91 4.39 -27.73
C LYS D 73 16.97 5.88 -27.39
N THR D 74 17.28 6.13 -26.12
CA THR D 74 17.50 7.48 -25.63
C THR D 74 18.48 7.46 -24.44
N ILE D 75 18.75 8.61 -23.86
CA ILE D 75 19.57 8.70 -22.68
C ILE D 75 18.61 9.03 -21.53
N GLY D 76 18.70 8.21 -20.48
CA GLY D 76 17.98 8.41 -19.24
C GLY D 76 18.91 8.52 -18.06
N TYR D 77 18.38 8.29 -16.88
CA TYR D 77 19.09 8.60 -15.63
C TYR D 77 18.95 7.48 -14.62
N ARG D 78 19.89 7.45 -13.71
CA ARG D 78 19.96 6.41 -12.76
C ARG D 78 20.67 6.86 -11.54
N ILE D 79 20.17 6.36 -10.42
CA ILE D 79 20.75 6.56 -9.11
C ILE D 79 21.35 5.20 -8.69
N ASN D 80 22.42 5.25 -7.89
CA ASN D 80 22.94 4.04 -7.20
C ASN D 80 22.04 3.72 -6.01
N ASP D 81 21.22 2.74 -6.29
CA ASP D 81 20.01 2.43 -5.60
C ASP D 81 20.23 1.64 -4.32
N LYS D 82 21.13 0.65 -4.45
CA LYS D 82 21.55 -0.22 -3.36
C LYS D 82 22.48 0.54 -2.40
N ASP D 83 23.10 1.63 -2.89
CA ASP D 83 23.88 2.58 -2.05
C ASP D 83 23.07 3.58 -1.21
N ILE D 84 21.74 3.52 -1.27
CA ILE D 84 20.92 4.19 -0.27
C ILE D 84 20.62 3.33 0.98
N VAL D 85 20.78 3.97 2.14
CA VAL D 85 20.56 3.32 3.43
C VAL D 85 19.50 4.07 4.24
N VAL D 86 18.43 3.35 4.60
CA VAL D 86 17.34 3.89 5.42
C VAL D 86 17.46 3.35 6.85
N VAL D 87 17.42 4.23 7.82
CA VAL D 87 17.62 3.79 9.20
C VAL D 87 16.57 4.38 10.12
N PRO D 88 15.52 3.61 10.45
CA PRO D 88 14.63 4.04 11.53
C PRO D 88 15.26 3.95 12.90
N ILE D 89 14.94 4.96 13.70
CA ILE D 89 15.10 4.86 15.12
C ILE D 89 13.81 4.25 15.66
N LEU D 90 13.95 3.09 16.30
CA LEU D 90 12.85 2.41 16.96
C LEU D 90 12.25 3.26 18.10
N ARG D 91 10.93 3.25 18.36
CA ARG D 91 9.89 2.56 17.55
C ARG D 91 9.35 3.42 16.45
N ALA D 92 9.19 4.70 16.74
CA ALA D 92 8.30 5.53 15.91
C ALA D 92 8.85 5.80 14.50
N GLY D 93 10.15 5.72 14.37
CA GLY D 93 10.80 5.78 13.09
C GLY D 93 10.40 4.66 12.13
N LEU D 94 9.95 3.53 12.68
CA LEU D 94 9.47 2.41 11.88
C LEU D 94 8.38 2.80 10.86
N VAL D 95 7.44 3.66 11.27
CA VAL D 95 6.35 4.10 10.39
C VAL D 95 6.85 5.08 9.31
N MET D 96 7.79 5.94 9.68
CA MET D 96 8.47 6.76 8.71
C MET D 96 9.24 5.94 7.68
N ALA D 97 9.93 4.91 8.15
CA ALA D 97 10.71 4.04 7.29
C ALA D 97 9.86 3.35 6.26
N ASP D 98 8.69 2.88 6.67
CA ASP D 98 7.74 2.32 5.71
C ASP D 98 7.38 3.28 4.60
N GLY D 99 7.18 4.55 4.98
CA GLY D 99 6.89 5.63 4.06
C GLY D 99 8.02 5.80 3.08
N ILE D 100 9.21 6.04 3.59
CA ILE D 100 10.36 6.32 2.73
C ILE D 100 10.69 5.14 1.79
N LEU D 101 10.55 3.93 2.30
CA LEU D 101 10.79 2.74 1.50
C LEU D 101 9.79 2.55 0.37
N GLU D 102 8.65 3.21 0.41
CA GLU D 102 7.76 3.20 -0.77
C GLU D 102 8.42 3.91 -1.97
N LEU D 103 9.22 4.93 -1.68
CA LEU D 103 9.94 5.69 -2.70
C LEU D 103 11.34 5.15 -2.97
N LEU D 104 11.98 4.60 -1.94
CA LEU D 104 13.30 3.97 -2.02
C LEU D 104 13.25 2.45 -1.66
N PRO D 105 12.52 1.67 -2.43
CA PRO D 105 12.31 0.27 -2.09
C PRO D 105 13.53 -0.63 -2.23
N ASN D 106 14.55 -0.20 -2.96
CA ASN D 106 15.79 -0.97 -3.05
C ASN D 106 16.85 -0.54 -2.05
N ALA D 107 16.49 0.29 -1.10
CA ALA D 107 17.45 0.70 -0.09
C ALA D 107 17.76 -0.48 0.86
N SER D 108 18.98 -0.48 1.38
CA SER D 108 19.35 -1.30 2.56
C SER D 108 18.74 -0.60 3.78
N VAL D 109 18.47 -1.38 4.80
CA VAL D 109 17.76 -0.88 5.97
C VAL D 109 18.51 -1.27 7.22
N GLY D 110 18.79 -0.27 8.04
CA GLY D 110 19.38 -0.51 9.34
C GLY D 110 18.39 -0.15 10.40
N HIS D 111 18.60 -0.64 11.61
CA HIS D 111 17.70 -0.37 12.71
C HIS D 111 18.50 0.02 13.92
N ILE D 112 18.10 1.11 14.56
CA ILE D 112 18.79 1.55 15.78
C ILE D 112 17.81 1.80 16.91
N GLY D 113 18.12 1.24 18.06
CA GLY D 113 17.36 1.41 19.29
C GLY D 113 18.21 2.17 20.29
N ILE D 114 17.72 3.36 20.68
CA ILE D 114 18.35 4.21 21.70
C ILE D 114 17.37 4.48 22.87
N TYR D 115 17.85 4.23 24.09
CA TYR D 115 17.18 4.68 25.31
C TYR D 115 17.70 6.03 25.70
N ARG D 116 16.79 6.97 25.89
CA ARG D 116 17.20 8.23 26.46
C ARG D 116 16.67 8.34 27.88
N ASP D 117 17.61 8.60 28.79
CA ASP D 117 17.33 8.74 30.21
C ASP D 117 16.78 10.16 30.53
N PRO D 118 15.53 10.23 31.01
CA PRO D 118 14.87 11.49 31.31
C PRO D 118 15.53 12.27 32.45
N GLU D 119 16.09 11.53 33.41
CA GLU D 119 16.68 12.16 34.58
C GLU D 119 18.10 12.68 34.30
N THR D 120 18.94 11.93 33.57
CA THR D 120 20.32 12.39 33.28
C THR D 120 20.48 13.05 31.94
N LEU D 121 19.46 12.94 31.08
CA LEU D 121 19.50 13.42 29.70
C LEU D 121 20.51 12.68 28.80
N GLN D 122 20.99 11.53 29.26
CA GLN D 122 21.96 10.77 28.51
C GLN D 122 21.21 9.74 27.66
N ALA D 123 21.86 9.33 26.58
CA ALA D 123 21.32 8.38 25.65
C ALA D 123 22.26 7.17 25.56
N VAL D 124 21.70 5.99 25.44
CA VAL D 124 22.49 4.79 25.24
C VAL D 124 21.83 3.93 24.16
N GLU D 125 22.66 3.30 23.33
CA GLU D 125 22.22 2.29 22.35
C GLU D 125 21.74 0.99 23.07
N TYR D 126 20.60 0.43 22.69
CA TYR D 126 20.31 -0.95 23.10
C TYR D 126 20.24 -1.91 21.91
N TYR D 127 20.25 -1.38 20.67
CA TYR D 127 20.34 -2.18 19.50
C TYR D 127 20.84 -1.38 18.31
N ALA D 128 21.62 -2.00 17.48
CA ALA D 128 22.00 -1.37 16.23
C ALA D 128 22.42 -2.49 15.31
N LYS D 129 21.72 -2.61 14.20
CA LYS D 129 22.01 -3.62 13.20
C LYS D 129 22.03 -2.84 11.87
N LEU D 130 23.20 -2.74 11.27
CA LEU D 130 23.40 -1.89 10.12
C LEU D 130 23.90 -2.68 8.91
N PRO D 131 23.48 -2.30 7.70
CA PRO D 131 24.07 -2.84 6.48
C PRO D 131 25.47 -2.23 6.33
N PRO D 132 26.28 -2.75 5.41
CA PRO D 132 27.63 -2.19 5.20
C PRO D 132 27.57 -0.69 4.87
N LEU D 133 28.44 0.09 5.50
CA LEU D 133 28.48 1.53 5.31
C LEU D 133 29.84 1.96 4.84
N ASN D 134 29.85 2.93 3.95
CA ASN D 134 31.07 3.58 3.50
C ASN D 134 30.75 4.97 2.96
N ASP D 135 31.78 5.63 2.46
CA ASP D 135 31.73 7.02 2.01
C ASP D 135 30.71 7.25 0.92
N ASP D 136 30.47 6.23 0.12
CA ASP D 136 29.54 6.32 -1.00
C ASP D 136 28.08 6.30 -0.57
N LYS D 137 27.78 5.64 0.55
CA LYS D 137 26.40 5.45 0.99
C LYS D 137 25.71 6.72 1.43
N GLU D 138 24.50 6.93 0.93
CA GLU D 138 23.60 8.02 1.32
C GLU D 138 22.66 7.47 2.40
N VAL D 139 22.84 7.92 3.64
CA VAL D 139 22.05 7.45 4.74
C VAL D 139 20.95 8.48 5.09
N PHE D 140 19.72 7.96 5.22
CA PHE D 140 18.54 8.66 5.73
C PHE D 140 18.15 8.07 7.06
N LEU D 141 18.23 8.90 8.08
CA LEU D 141 17.95 8.58 9.45
C LEU D 141 16.61 9.21 9.85
N LEU D 142 15.71 8.41 10.37
CA LEU D 142 14.31 8.82 10.55
C LEU D 142 13.89 8.70 12.00
N ASP D 143 13.45 9.83 12.56
CA ASP D 143 12.82 9.84 13.88
C ASP D 143 11.85 11.02 13.94
N PRO D 144 10.57 10.79 14.30
CA PRO D 144 9.55 11.82 14.17
C PRO D 144 9.75 13.05 15.05
N MET D 145 10.17 12.87 16.26
CA MET D 145 10.24 13.95 17.18
C MET D 145 11.68 14.21 17.60
N LEU D 146 12.22 15.33 17.13
CA LEU D 146 13.57 15.75 17.46
C LEU D 146 13.45 16.82 18.53
N ALA D 147 13.63 16.38 19.76
CA ALA D 147 13.34 17.16 20.94
C ALA D 147 14.61 17.77 21.53
N THR D 148 15.27 17.07 22.45
CA THR D 148 16.59 17.48 22.95
C THR D 148 17.69 17.20 21.95
N GLY D 149 17.48 16.22 21.08
CA GLY D 149 18.45 15.85 20.11
C GLY D 149 19.36 14.70 20.48
N VAL D 150 19.32 14.24 21.73
CA VAL D 150 20.33 13.31 22.17
C VAL D 150 20.17 11.96 21.42
N SER D 151 18.95 11.52 21.18
CA SER D 151 18.71 10.27 20.50
C SER D 151 19.26 10.25 19.10
N SER D 152 18.93 11.25 18.31
CA SER D 152 19.42 11.29 16.95
C SER D 152 20.94 11.51 16.91
N ILE D 153 21.51 12.18 17.90
CA ILE D 153 22.95 12.40 17.96
C ILE D 153 23.66 11.11 18.28
N LYS D 154 23.07 10.30 19.17
CA LYS D 154 23.63 9.01 19.47
C LYS D 154 23.59 8.02 18.29
N ALA D 155 22.48 8.03 17.54
CA ALA D 155 22.33 7.28 16.32
C ALA D 155 23.33 7.69 15.24
N ILE D 156 23.51 9.01 15.05
CA ILE D 156 24.51 9.51 14.09
C ILE D 156 25.88 9.05 14.53
N GLU D 157 26.19 9.16 15.84
CA GLU D 157 27.43 8.64 16.37
C GLU D 157 27.69 7.20 15.96
N ILE D 158 26.69 6.36 16.14
CA ILE D 158 26.80 4.94 15.79
C ILE D 158 26.98 4.75 14.28
N LEU D 159 26.27 5.53 13.49
CA LEU D 159 26.42 5.45 12.04
C LEU D 159 27.85 5.80 11.59
N LYS D 160 28.33 6.92 12.06
CA LYS D 160 29.69 7.35 11.77
C LYS D 160 30.76 6.34 12.19
N GLU D 161 30.59 5.77 13.39
CA GLU D 161 31.43 4.70 13.92
C GLU D 161 31.53 3.52 12.96
N ASN D 162 30.45 3.25 12.25
CA ASN D 162 30.40 2.11 11.33
C ASN D 162 30.68 2.48 9.89
N GLY D 163 31.13 3.71 9.67
CA GLY D 163 31.61 4.12 8.35
C GLY D 163 30.72 5.07 7.54
N ALA D 164 29.57 5.44 8.05
CA ALA D 164 28.72 6.42 7.40
C ALA D 164 29.40 7.79 7.31
N LYS D 165 29.20 8.47 6.18
CA LYS D 165 29.70 9.82 5.92
C LYS D 165 28.50 10.74 5.64
N LYS D 166 27.77 10.45 4.59
CA LYS D 166 26.63 11.31 4.21
C LYS D 166 25.34 10.86 4.94
N ILE D 167 24.83 11.72 5.81
CA ILE D 167 23.70 11.41 6.64
C ILE D 167 22.74 12.59 6.60
N THR D 168 21.48 12.26 6.34
CA THR D 168 20.39 13.20 6.28
C THR D 168 19.38 12.78 7.34
N LEU D 169 18.98 13.72 8.19
CA LEU D 169 17.99 13.49 9.23
C LEU D 169 16.65 13.94 8.70
N VAL D 170 15.65 13.05 8.78
CA VAL D 170 14.25 13.38 8.47
C VAL D 170 13.41 13.22 9.74
N ALA D 171 12.75 14.30 10.15
CA ALA D 171 11.83 14.26 11.30
C ALA D 171 10.54 14.94 10.96
N LEU D 172 9.55 14.76 11.81
CA LEU D 172 8.26 15.40 11.63
C LEU D 172 8.28 16.80 12.26
N ILE D 173 8.49 16.81 13.57
CA ILE D 173 8.57 18.05 14.34
C ILE D 173 9.92 18.09 15.06
N ALA D 174 10.54 19.26 15.04
CA ALA D 174 11.72 19.49 15.86
C ALA D 174 11.53 20.70 16.80
N ALA D 175 12.28 20.70 17.89
CA ALA D 175 12.39 21.85 18.76
C ALA D 175 13.78 22.47 18.48
N PRO D 176 13.83 23.79 18.62
CA PRO D 176 15.07 24.54 18.43
C PRO D 176 16.27 23.93 19.12
N GLU D 177 16.13 23.64 20.41
CA GLU D 177 17.21 23.03 21.14
C GLU D 177 17.78 21.73 20.57
N GLY D 178 16.92 20.85 20.09
CA GLY D 178 17.32 19.66 19.36
C GLY D 178 18.08 19.94 18.07
N VAL D 179 17.60 20.91 17.30
CA VAL D 179 18.25 21.26 16.04
C VAL D 179 19.67 21.80 16.32
N GLU D 180 19.73 22.67 17.30
CA GLU D 180 20.95 23.33 17.73
C GLU D 180 21.97 22.31 18.27
N ALA D 181 21.47 21.32 19.02
CA ALA D 181 22.31 20.29 19.58
C ALA D 181 22.94 19.43 18.44
N VAL D 182 22.12 19.08 17.46
CA VAL D 182 22.65 18.31 16.32
C VAL D 182 23.72 19.12 15.52
N GLU D 183 23.46 20.41 15.33
CA GLU D 183 24.34 21.29 14.57
C GLU D 183 25.69 21.52 15.30
N LYS D 184 25.64 21.63 16.62
CA LYS D 184 26.83 21.70 17.44
C LYS D 184 27.75 20.48 17.30
N LYS D 185 27.16 19.31 17.24
CA LYS D 185 27.94 18.09 17.19
C LYS D 185 28.35 17.71 15.77
N TYR D 186 27.35 17.71 14.87
CA TYR D 186 27.48 17.16 13.52
C TYR D 186 27.00 18.22 12.52
N GLU D 187 27.90 19.15 12.26
CA GLU D 187 27.68 20.29 11.42
C GLU D 187 27.32 19.99 9.96
N ASP D 188 27.57 18.78 9.48
CA ASP D 188 27.28 18.44 8.07
C ASP D 188 25.96 17.68 7.91
N VAL D 189 25.24 17.45 8.99
CA VAL D 189 23.97 16.71 8.89
C VAL D 189 22.88 17.70 8.58
N LYS D 190 22.23 17.51 7.42
CA LYS D 190 21.03 18.28 7.09
C LYS D 190 19.82 17.66 7.71
N ILE D 191 18.87 18.53 8.09
CA ILE D 191 17.69 18.11 8.80
C ILE D 191 16.44 18.60 8.13
N TYR D 192 15.58 17.66 7.72
CA TYR D 192 14.33 17.97 7.06
C TYR D 192 13.14 17.71 8.01
N VAL D 193 12.30 18.71 8.24
CA VAL D 193 11.13 18.59 9.13
C VAL D 193 9.91 19.22 8.52
N ALA D 194 8.76 18.81 9.06
CA ALA D 194 7.47 19.36 8.72
C ALA D 194 7.18 20.62 9.53
N ALA D 195 7.80 20.77 10.71
CA ALA D 195 7.61 21.97 11.53
C ALA D 195 8.70 22.15 12.57
N LEU D 196 8.97 23.41 12.86
CA LEU D 196 9.80 23.79 14.00
C LEU D 196 8.86 24.37 15.04
N ASP D 197 8.84 23.75 16.20
CA ASP D 197 7.99 24.17 17.27
C ASP D 197 8.77 25.09 18.18
N GLU D 198 8.18 25.42 19.32
CA GLU D 198 8.64 26.54 20.13
C GLU D 198 9.74 26.17 21.14
N ARG D 199 9.52 25.06 21.85
CA ARG D 199 10.40 24.69 22.93
C ARG D 199 10.04 23.33 23.50
N LEU D 200 10.73 22.94 24.57
CA LEU D 200 10.44 21.69 25.29
C LEU D 200 9.82 21.99 26.62
N ASN D 201 8.92 21.12 27.07
CA ASN D 201 8.41 21.24 28.43
C ASN D 201 9.38 20.61 29.43
N ASP D 202 9.03 20.67 30.72
CA ASP D 202 9.89 20.13 31.78
C ASP D 202 10.19 18.64 31.63
N HIS D 203 9.34 17.91 30.91
CA HIS D 203 9.56 16.48 30.69
C HIS D 203 10.15 16.11 29.34
N GLY D 204 10.59 17.11 28.57
CA GLY D 204 11.30 16.87 27.33
C GLY D 204 10.38 16.69 26.16
N TYR D 205 9.12 17.07 26.32
CA TYR D 205 8.19 17.04 25.18
C TYR D 205 8.19 18.37 24.42
N ILE D 206 8.05 18.26 23.10
CA ILE D 206 7.94 19.42 22.22
C ILE D 206 6.56 20.06 22.39
N ILE D 207 6.59 21.38 22.56
CA ILE D 207 5.45 22.26 22.66
C ILE D 207 5.37 23.09 21.40
N PRO D 208 4.18 23.18 20.78
CA PRO D 208 2.99 22.43 21.22
C PRO D 208 3.03 20.95 20.82
N GLY D 209 3.87 20.62 19.87
CA GLY D 209 4.05 19.24 19.44
C GLY D 209 2.77 18.45 19.16
N LEU D 210 2.79 17.20 19.64
CA LEU D 210 1.67 16.30 19.47
C LEU D 210 1.59 15.19 20.51
N GLY D 211 2.25 15.32 21.64
CA GLY D 211 2.24 14.28 22.67
C GLY D 211 3.39 13.31 22.51
N ASP D 212 3.11 12.03 22.81
CA ASP D 212 4.07 10.94 22.68
C ASP D 212 3.83 10.19 21.36
N ALA D 213 4.75 10.32 20.43
CA ALA D 213 4.53 9.79 19.09
C ALA D 213 4.42 8.27 19.10
N GLY D 214 5.38 7.56 19.70
CA GLY D 214 5.32 6.09 19.75
C GLY D 214 3.99 5.57 20.34
N ASP D 215 3.57 6.16 21.45
CA ASP D 215 2.36 5.73 22.10
C ASP D 215 1.14 5.98 21.26
N ARG D 216 1.14 7.10 20.57
CA ARG D 216 0.01 7.44 19.69
C ARG D 216 -0.06 6.63 18.38
N LEU D 217 1.10 6.12 17.93
CA LEU D 217 1.20 5.25 16.75
C LEU D 217 0.76 3.84 17.04
N PHE D 218 1.08 3.34 18.24
CA PHE D 218 0.94 1.92 18.54
C PHE D 218 -0.03 1.66 19.67
N ARG D 219 -0.55 2.71 20.30
CA ARG D 219 -1.51 2.57 21.40
C ARG D 219 -0.91 1.87 22.64
N THR D 220 0.25 2.36 23.04
CA THR D 220 0.94 1.96 24.26
C THR D 220 0.88 3.13 25.29
N LYS D 221 1.12 2.85 26.57
CA LYS D 221 0.96 3.84 27.64
C LYS D 221 2.28 4.09 28.42
S SO4 E . 16.59 -10.66 13.31
O1 SO4 E . 15.29 -10.78 12.63
O2 SO4 E . 16.94 -9.27 13.71
O3 SO4 E . 17.72 -11.12 12.50
O4 SO4 E . 16.44 -11.43 14.54
S SO4 F . 24.26 -30.31 9.14
O1 SO4 F . 23.39 -30.28 7.99
O2 SO4 F . 24.88 -28.99 9.27
O3 SO4 F . 25.26 -31.34 8.86
O4 SO4 F . 23.50 -30.70 10.32
S SO4 G . 19.93 -7.15 -4.53
O1 SO4 G . 20.79 -6.76 -5.65
O2 SO4 G . 19.69 -8.58 -4.49
O3 SO4 G . 18.65 -6.46 -4.64
O4 SO4 G . 20.64 -6.79 -3.31
N1 U5P H . 16.62 -17.84 11.58
C2 U5P H . 16.64 -17.57 10.15
N3 U5P H . 16.71 -18.61 9.30
C4 U5P H . 16.73 -19.88 9.76
C5 U5P H . 16.71 -20.16 11.11
C6 U5P H . 16.65 -19.12 12.02
O2 U5P H . 16.62 -16.42 9.65
O4 U5P H . 16.77 -20.79 8.94
C1' U5P H . 16.56 -16.70 12.51
C2' U5P H . 15.17 -16.02 12.48
O2' U5P H . 15.08 -14.86 11.59
C3' U5P H . 14.93 -15.66 13.93
C4' U5P H . 15.65 -16.77 14.69
O3' U5P H . 15.62 -14.43 14.26
O4' U5P H . 16.78 -17.10 13.88
C5' U5P H . 14.74 -17.97 14.87
O5' U5P H . 15.48 -19.08 15.35
P U5P H . 14.95 -19.79 16.67
O1P U5P H . 13.50 -20.13 16.32
O2P U5P H . 15.07 -18.82 17.84
O3P U5P H . 15.95 -20.87 16.80
S SO4 I . -21.38 2.40 -11.46
O1 SO4 I . -22.10 1.21 -11.92
O2 SO4 I . -20.02 1.85 -11.34
O3 SO4 I . -21.83 2.74 -10.10
O4 SO4 I . -21.57 3.57 -12.38
S SO4 J . -39.57 -2.45 -2.05
O1 SO4 J . -40.99 -2.26 -1.75
O2 SO4 J . -39.07 -1.28 -2.80
O3 SO4 J . -39.39 -3.65 -2.85
O4 SO4 J . -38.84 -2.57 -0.78
N1 U5P K . -25.62 -1.99 -7.71
C2 U5P K . -25.24 -1.39 -6.45
N3 U5P K . -25.94 -1.73 -5.31
C4 U5P K . -26.97 -2.60 -5.35
C5 U5P K . -27.34 -3.18 -6.57
C6 U5P K . -26.65 -2.87 -7.75
O2 U5P K . -24.30 -0.55 -6.38
O4 U5P K . -27.59 -2.89 -4.31
C1' U5P K . -24.86 -1.62 -8.94
C2' U5P K . -23.40 -2.13 -8.89
O2' U5P K . -22.42 -1.15 -8.42
C3' U5P K . -23.14 -2.77 -10.28
C4' U5P K . -24.55 -3.06 -10.81
O3' U5P K . -22.46 -1.95 -11.25
O4' U5P K . -25.48 -2.17 -10.13
C5' U5P K . -24.98 -4.51 -10.62
O5' U5P K . -26.25 -4.58 -11.25
P U5P K . -26.88 -5.94 -11.72
O1P U5P K . -26.25 -7.09 -11.04
O2P U5P K . -26.56 -5.93 -13.15
O3P U5P K . -28.33 -5.73 -11.45
S SO4 L . -6.19 3.64 -22.68
O1 SO4 L . -5.33 3.90 -21.52
O2 SO4 L . -7.51 3.07 -22.31
O3 SO4 L . -5.47 2.79 -23.60
O4 SO4 L . -6.51 4.95 -23.25
N1 U5P M . -0.55 7.31 -25.92
C2 U5P M . 0.39 6.35 -25.44
N3 U5P M . 1.70 6.50 -25.78
C4 U5P M . 2.15 7.55 -26.56
C5 U5P M . 1.21 8.47 -27.03
C6 U5P M . -0.14 8.33 -26.69
O2 U5P M . 0.01 5.38 -24.70
O4 U5P M . 3.39 7.66 -26.84
C1' U5P M . -1.97 7.12 -25.53
C2' U5P M . -2.22 7.49 -24.04
O2' U5P M . -2.25 6.37 -23.08
C3' U5P M . -3.58 8.18 -24.13
C4' U5P M . -3.62 8.85 -25.49
O3' U5P M . -4.65 7.20 -24.09
O4' U5P M . -2.87 7.95 -26.30
C5' U5P M . -3.00 10.23 -25.45
O5' U5P M . -2.80 10.72 -26.77
P U5P M . -3.37 12.15 -27.13
O1P U5P M . -2.64 13.02 -26.10
O2P U5P M . -4.87 12.16 -26.97
O3P U5P M . -3.01 12.33 -28.58
S SO4 N . 9.41 5.08 21.54
O1 SO4 N . 9.28 5.37 20.10
O2 SO4 N . 10.04 3.78 21.76
O3 SO4 N . 8.11 5.16 22.17
O4 SO4 N . 10.25 6.14 22.11
S SO4 O . 6.76 23.33 31.24
O1 SO4 O . 8.07 23.68 30.70
O2 SO4 O . 6.79 21.91 31.70
O3 SO4 O . 5.64 23.58 30.31
O4 SO4 O . 6.49 24.23 32.36
S SO4 P . -8.72 4.81 19.44
O1 SO4 P . -9.97 4.42 20.12
O2 SO4 P . -8.61 6.23 19.19
O3 SO4 P . -8.64 4.14 18.14
O4 SO4 P . -7.62 4.46 20.35
N1 U5P Q . 9.49 12.16 21.96
C2 U5P Q . 8.07 12.21 21.63
N3 U5P Q . 7.42 13.40 21.69
C4 U5P Q . 8.09 14.54 22.06
C5 U5P Q . 9.44 14.51 22.38
C6 U5P Q . 10.14 13.31 22.32
O2 U5P Q . 7.41 11.17 21.30
O4 U5P Q . 7.46 15.63 22.13
C1' U5P Q . 10.23 10.87 21.87
C2' U5P Q . 10.34 10.36 20.40
O2' U5P Q . 9.33 9.39 19.99
C3' U5P Q . 11.79 9.91 20.23
C4' U5P Q . 12.53 10.62 21.36
O3' U5P Q . 12.02 8.47 20.33
O4' U5P Q . 11.58 10.99 22.39
C5' U5P Q . 13.25 11.88 20.89
O5' U5P Q . 13.95 12.32 22.03
P U5P Q . 15.20 13.27 22.01
O1P U5P Q . 15.26 13.99 20.73
O2P U5P Q . 16.32 12.35 22.23
O3P U5P Q . 15.03 14.15 23.21
#